data_6MHU
#
_entry.id   6MHU
#
_cell.length_a   1.0
_cell.length_b   1.0
_cell.length_c   1.0
_cell.angle_alpha   90.00
_cell.angle_beta   90.00
_cell.angle_gamma   90.00
#
_symmetry.space_group_name_H-M   'P 1'
#
loop_
_entity.id
_entity.type
_entity.pdbx_description
1 polymer 'Lipopolysaccharide export system permease protein LptF'
2 polymer 'Lipopolysaccharide export system permease protein LptG'
3 polymer 'Lipopolysaccharide export system ATP-binding protein LptB'
4 non-polymer '(2~{R},4~{R},5~{R},6~{R})-6-[(1~{R})-1,2-bis(oxidanyl)ethyl]-2-[(2~{R},4~{R},5~{R},6~{R})-6-[(1~{R})-1,2-bis(oxidanyl)ethyl]-5-[(2~{S},3~{S},4~{R},5~{R},6~{R})-6-[(1~{S})-1,2-bis(oxidanyl)ethyl]-4-[(2~{R},3~{S},4~{R},5~{S},6~{R})-6-[(1~{S})-2-[(2~{S},3~{S},4~{S},5~{S},6~{R})-6-[(1~{S})-1,2-bis(oxidanyl)ethyl]-3,4,5-tris(oxidanyl)oxan-2-yl]oxy-1-oxidanyl-ethyl]-3,4-bis(oxidanyl)-5-phosphonooxy-oxan-2-yl]oxy-3-oxidanyl-5-phosphonooxy-oxan-2-yl]oxy-2-carboxy-2-[[(2~{R},3~{S},4~{R},5~{R},6~{R})-5-[[(3~{R})-3-dodecanoyloxytetradecanoyl]amino]-6-[[(2~{R},3~{S},4~{R},5~{R},6~{R})-3-oxidanyl-5-[[(3~{R})-3-oxidanyltetradecanoyl]amino]-4-[(3~{R})-3-oxidanyltetradecanoyl]oxy-6-phosphonooxy-oxan-2-yl]methoxy]-3-phosphonooxy-4-[(3~{R})-3-tetradecanoyloxytetradecanoyl]oxy-oxan-2-yl]methoxy]oxan-4-yl]oxy-4,5-bis(oxidanyl)oxane-2-carboxylic acid'
#
loop_
_entity_poly.entity_id
_entity_poly.type
_entity_poly.pdbx_seq_one_letter_code
_entity_poly.pdbx_strand_id
1 'polypeptide(L)'
;MIIIRYLVRETLKSQLAILFILLLIFFCQKLVRILGAAVDGDIPANLVLSLLGLGVPEMAQLILPLSLFLGLLMTLGKLY
TESEITVMHACGLSKAVLVKAAMILAVFTAIVAAVNVMWAGPWSSRHQDEVLAEAKANPGMAALAQGQFQQATNGSSVLF
IESVDGSDFKDVFLAQIRPKGNARPSVVVADSGHLTQLRDGSQVVTLNQGTRFEGTALLRDFRITDFQDYQAIIGHQAVA
LDPNDTDQMDMRTLWNTDTDRARAELNWRITLVFTVFMMALMVVPLSVVNPRQGRVLSMLPAMLLYLLFFLIQTSLKSNG
GKGKLDPTLWMWTVNLIYLALAIVLNLWDTVPVRRLRASFSRKGAV
;
F
2 'polypeptide(L)'
;MQPFGVLDRYIGKTIFTTIMMTLFMLVSLSGIIKFVDQLKKAGQGSYDALGAGMYTLLSVPKDVQIFFPMAALLGALLGL
GMLAQRSELVVMQASGFTRMQVALSVMKTAIPLVLLTMAIGEWVAPQGEQMARNYRAQAMYGGSLLSTQQGLWAKDGNNF
VYIERVKGDEELGGISIYAFNENRRLQSVRYAATAKFDPEHKVWRLSQVDESDLTNPKQITGSQTVSGTWKTNLTPDKLG
VVALDPDALSISGLHNYVKYLKSSGQDAGRYQLNMWSKIFQPLSVAVMMLMALSFIFGPLRSVPMGVRVVTGISFGFVFY
VLDQIFGPLTLVYGIPPIIGALLPSASFFLISLWLLMRKS
;
G
3 'polypeptide(L)'
;MGHHHHHHHHMATLTAKNLAKAYKGRRVVEDVSLTVNSGEIVGLLGPNGAGKTTTFYMVVGIVPRDAGNIIIDDDDISLL
PLHARARRGIGYLPQEASIFRRLSVYDNLMAVLQIRDDLSAEQREDRANELMEEFHIEHLRDSMGQSLSGGERRRVEIAR
ALAANPKFILLDEPFAGVDPISVIDIKRIIEHLRDSGLGVLITDHNVRETLAVCERAYIVSQGHLIAHGTPTEILQDEHV
KRVYLGEDFRL
;
A,B
#
# COMPACT_ATOMS: atom_id res chain seq x y z
N ARG A 5 -12.08 -2.74 31.95
CA ARG A 5 -12.75 -2.10 30.83
C ARG A 5 -11.72 -1.49 29.91
N TYR A 6 -11.24 -2.21 28.89
CA TYR A 6 -10.35 -1.59 27.92
C TYR A 6 -10.58 -2.18 26.53
N LEU A 7 -10.05 -1.44 25.55
CA LEU A 7 -9.94 -1.80 24.13
C LEU A 7 -8.76 -2.70 23.84
N VAL A 8 -8.10 -3.17 24.90
CA VAL A 8 -6.88 -3.97 24.78
C VAL A 8 -7.16 -5.28 24.04
N ARG A 9 -8.34 -5.85 24.23
CA ARG A 9 -8.65 -7.07 23.49
C ARG A 9 -8.98 -6.78 22.04
N GLU A 10 -9.37 -5.54 21.72
CA GLU A 10 -9.54 -5.17 20.32
C GLU A 10 -8.21 -4.96 19.62
N THR A 11 -7.26 -4.29 20.25
CA THR A 11 -5.97 -4.15 19.60
C THR A 11 -5.12 -5.41 19.69
N LEU A 12 -5.41 -6.32 20.61
CA LEU A 12 -4.68 -7.57 20.70
C LEU A 12 -5.00 -8.49 19.52
N LYS A 13 -6.20 -8.35 18.96
CA LYS A 13 -6.59 -9.18 17.83
C LYS A 13 -5.80 -8.79 16.59
N SER A 14 -5.69 -7.49 16.33
CA SER A 14 -4.86 -7.05 15.22
C SER A 14 -3.38 -7.22 15.53
N GLN A 15 -3.01 -7.22 16.81
CA GLN A 15 -1.66 -7.60 17.22
C GLN A 15 -1.31 -9.01 16.76
N LEU A 16 -2.20 -9.95 17.06
CA LEU A 16 -2.01 -11.35 16.65
C LEU A 16 -2.02 -11.47 15.13
N ALA A 17 -2.89 -10.73 14.45
CA ALA A 17 -2.97 -10.82 12.99
C ALA A 17 -1.71 -10.28 12.32
N ILE A 18 -1.24 -9.11 12.75
CA ILE A 18 -0.04 -8.52 12.16
C ILE A 18 1.18 -9.33 12.52
N LEU A 19 1.21 -9.93 13.72
CA LEU A 19 2.25 -10.89 14.08
C LEU A 19 2.27 -12.07 13.11
N PHE A 20 1.09 -12.64 12.85
CA PHE A 20 0.98 -13.82 12.01
C PHE A 20 1.30 -13.52 10.55
N ILE A 21 1.10 -12.28 10.10
CA ILE A 21 1.42 -11.99 8.71
C ILE A 21 2.73 -11.24 8.57
N LEU A 22 3.43 -10.98 9.67
CA LEU A 22 4.82 -10.54 9.56
C LEU A 22 5.79 -11.69 9.65
N LEU A 23 5.41 -12.76 10.36
CA LEU A 23 6.29 -13.93 10.41
C LEU A 23 6.42 -14.57 9.03
N LEU A 24 5.37 -14.50 8.20
CA LEU A 24 5.49 -15.07 6.86
C LEU A 24 6.26 -14.16 5.92
N ILE A 25 6.16 -12.84 6.10
CA ILE A 25 6.98 -11.92 5.31
C ILE A 25 8.46 -12.12 5.63
N PHE A 26 8.78 -12.29 6.91
CA PHE A 26 10.20 -12.46 7.21
C PHE A 26 10.67 -13.88 6.94
N PHE A 27 9.79 -14.89 6.99
CA PHE A 27 10.09 -16.19 6.42
C PHE A 27 10.44 -16.09 4.95
N CYS A 28 9.63 -15.36 4.19
CA CYS A 28 9.85 -15.20 2.77
C CYS A 28 10.99 -14.24 2.46
N GLN A 29 11.55 -13.58 3.46
CA GLN A 29 12.82 -12.90 3.25
C GLN A 29 14.02 -13.75 3.57
N LYS A 30 14.02 -14.41 4.73
CA LYS A 30 15.17 -15.23 5.10
C LYS A 30 15.25 -16.48 4.23
N LEU A 31 14.12 -16.95 3.72
CA LEU A 31 14.12 -18.10 2.83
C LEU A 31 14.72 -17.74 1.47
N VAL A 32 14.36 -16.57 0.95
CA VAL A 32 14.98 -16.06 -0.28
C VAL A 32 16.46 -15.83 -0.05
N ARG A 33 16.84 -15.44 1.17
CA ARG A 33 18.25 -15.26 1.47
C ARG A 33 19.01 -16.59 1.51
N ILE A 34 18.44 -17.62 2.14
CA ILE A 34 19.17 -18.88 2.26
C ILE A 34 19.06 -19.71 0.99
N LEU A 35 18.13 -19.38 0.09
CA LEU A 35 18.20 -19.96 -1.25
C LEU A 35 19.44 -19.48 -1.99
N GLY A 36 19.94 -18.28 -1.66
CA GLY A 36 21.22 -17.85 -2.17
C GLY A 36 22.38 -18.73 -1.74
N ALA A 37 22.31 -19.28 -0.53
CA ALA A 37 23.34 -20.24 -0.09
C ALA A 37 23.07 -21.64 -0.61
N ALA A 38 21.81 -21.97 -0.87
CA ALA A 38 21.50 -23.27 -1.45
C ALA A 38 21.92 -23.34 -2.92
N VAL A 39 21.89 -22.21 -3.62
CA VAL A 39 22.26 -22.18 -5.03
C VAL A 39 23.72 -21.79 -5.23
N ASP A 40 24.13 -20.65 -4.69
CA ASP A 40 25.45 -20.08 -4.94
C ASP A 40 26.44 -20.37 -3.82
N GLY A 41 26.01 -20.30 -2.56
CA GLY A 41 26.90 -20.51 -1.44
C GLY A 41 27.30 -21.96 -1.21
N ASP A 42 26.65 -22.87 -1.95
CA ASP A 42 26.96 -24.31 -2.00
C ASP A 42 26.79 -24.96 -0.63
N ILE A 43 25.57 -24.92 -0.12
CA ILE A 43 25.19 -25.61 1.10
C ILE A 43 23.95 -26.45 0.79
N PRO A 44 23.94 -27.74 1.13
CA PRO A 44 22.85 -28.62 0.67
C PRO A 44 21.54 -28.32 1.39
N ALA A 45 20.47 -28.34 0.60
CA ALA A 45 19.15 -27.93 1.07
C ALA A 45 18.35 -29.10 1.63
N ASN A 46 18.98 -29.85 2.53
CA ASN A 46 18.28 -30.82 3.35
C ASN A 46 17.91 -30.21 4.70
N LEU A 47 18.05 -28.89 4.82
CA LEU A 47 17.95 -28.20 6.10
C LEU A 47 17.23 -26.85 5.98
N VAL A 48 16.41 -26.66 4.95
CA VAL A 48 15.71 -25.40 4.78
C VAL A 48 14.58 -25.27 5.79
N LEU A 49 13.68 -26.25 5.82
CA LEU A 49 12.55 -26.23 6.73
C LEU A 49 13.01 -26.32 8.19
N SER A 50 14.14 -26.99 8.44
CA SER A 50 14.69 -27.01 9.78
C SER A 50 15.36 -25.69 10.14
N LEU A 51 16.07 -25.07 9.18
CA LEU A 51 16.78 -23.83 9.44
C LEU A 51 15.81 -22.66 9.65
N LEU A 52 14.61 -22.75 9.11
CA LEU A 52 13.61 -21.71 9.37
C LEU A 52 13.19 -21.68 10.83
N GLY A 53 12.72 -22.84 11.33
CA GLY A 53 12.28 -22.91 12.71
C GLY A 53 13.43 -22.86 13.70
N LEU A 54 14.64 -23.15 13.24
CA LEU A 54 15.84 -22.97 14.06
C LEU A 54 16.50 -21.67 13.60
N GLY A 55 15.92 -20.56 14.04
CA GLY A 55 16.35 -19.25 13.61
C GLY A 55 15.20 -18.28 13.49
N VAL A 56 13.98 -18.79 13.69
CA VAL A 56 12.83 -17.91 13.90
C VAL A 56 12.98 -16.94 15.09
N PRO A 57 13.75 -17.24 16.20
CA PRO A 57 13.84 -16.18 17.23
C PRO A 57 14.69 -14.98 16.86
N GLU A 58 15.72 -15.15 16.02
CA GLU A 58 16.51 -13.99 15.61
C GLU A 58 15.70 -13.17 14.62
N MET A 59 14.70 -13.82 14.03
CA MET A 59 13.73 -13.15 13.19
C MET A 59 12.74 -12.36 14.04
N ALA A 60 12.21 -12.98 15.08
CA ALA A 60 11.20 -12.41 15.97
C ALA A 60 11.77 -11.45 16.95
N GLN A 61 13.08 -11.26 16.95
CA GLN A 61 13.66 -10.08 17.61
C GLN A 61 12.99 -8.81 17.10
N LEU A 62 12.89 -8.65 15.78
CA LEU A 62 12.42 -7.41 15.19
C LEU A 62 10.95 -7.46 14.78
N ILE A 63 10.29 -8.61 14.92
CA ILE A 63 8.87 -8.66 14.61
C ILE A 63 8.07 -7.92 15.66
N LEU A 64 8.24 -8.33 16.92
CA LEU A 64 7.35 -7.94 18.01
C LEU A 64 7.24 -6.44 18.29
N PRO A 65 8.33 -5.63 18.29
CA PRO A 65 8.10 -4.18 18.45
C PRO A 65 7.35 -3.57 17.27
N LEU A 66 7.71 -3.96 16.05
CA LEU A 66 6.98 -3.50 14.88
C LEU A 66 5.60 -4.12 14.83
N SER A 67 5.43 -5.30 15.42
CA SER A 67 4.09 -5.88 15.48
C SER A 67 3.18 -5.08 16.39
N LEU A 68 3.69 -4.63 17.54
CA LEU A 68 2.85 -3.80 18.39
C LEU A 68 2.68 -2.41 17.80
N PHE A 69 3.69 -1.92 17.09
CA PHE A 69 3.60 -0.61 16.45
C PHE A 69 2.48 -0.60 15.42
N LEU A 70 2.43 -1.64 14.58
CA LEU A 70 1.36 -1.71 13.58
C LEU A 70 0.03 -2.07 14.21
N GLY A 71 0.02 -2.94 15.23
CA GLY A 71 -1.23 -3.34 15.85
C GLY A 71 -1.86 -2.27 16.71
N LEU A 72 -1.08 -1.26 17.11
CA LEU A 72 -1.65 -0.06 17.68
C LEU A 72 -2.06 0.94 16.61
N LEU A 73 -1.23 1.10 15.59
CA LEU A 73 -1.46 2.17 14.64
C LEU A 73 -2.65 1.87 13.74
N MET A 74 -2.72 0.65 13.23
CA MET A 74 -3.84 0.25 12.37
C MET A 74 -5.14 0.15 13.15
N THR A 75 -5.06 -0.13 14.45
CA THR A 75 -6.26 -0.21 15.26
C THR A 75 -6.78 1.16 15.62
N LEU A 76 -5.91 2.03 16.15
CA LEU A 76 -6.33 3.38 16.48
C LEU A 76 -6.65 4.21 15.24
N GLY A 77 -6.20 3.80 14.06
CA GLY A 77 -6.70 4.41 12.84
C GLY A 77 -8.20 4.19 12.66
N LYS A 78 -8.66 2.95 12.90
CA LYS A 78 -10.08 2.68 12.80
C LYS A 78 -10.82 3.33 13.96
N LEU A 79 -10.22 3.29 15.15
CA LEU A 79 -10.80 3.92 16.33
C LEU A 79 -10.89 5.44 16.20
N TYR A 80 -10.10 6.06 15.34
CA TYR A 80 -10.21 7.49 15.16
C TYR A 80 -11.08 7.85 13.96
N THR A 81 -11.04 7.06 12.88
CA THR A 81 -11.87 7.34 11.72
C THR A 81 -13.31 6.90 11.89
N GLU A 82 -13.64 6.18 12.95
CA GLU A 82 -15.04 6.02 13.29
C GLU A 82 -15.52 7.16 14.19
N SER A 83 -14.65 8.15 14.44
CA SER A 83 -14.86 9.27 15.36
C SER A 83 -15.25 8.79 16.75
N GLU A 84 -14.34 8.05 17.33
CA GLU A 84 -14.62 7.28 18.53
C GLU A 84 -13.55 7.48 19.60
N ILE A 85 -12.31 7.71 19.19
CA ILE A 85 -11.35 8.32 20.10
C ILE A 85 -11.81 9.72 20.47
N THR A 86 -12.37 10.45 19.51
CA THR A 86 -12.93 11.75 19.80
C THR A 86 -14.35 11.69 20.34
N VAL A 87 -14.86 10.52 20.74
CA VAL A 87 -15.99 10.47 21.66
C VAL A 87 -15.58 9.95 23.02
N MET A 88 -14.45 9.23 23.12
CA MET A 88 -13.83 9.08 24.44
C MET A 88 -13.35 10.44 24.95
N HIS A 89 -12.85 11.28 24.05
CA HIS A 89 -12.56 12.66 24.42
C HIS A 89 -13.84 13.46 24.68
N ALA A 90 -14.94 13.09 24.04
CA ALA A 90 -16.18 13.81 24.33
C ALA A 90 -16.79 13.37 25.65
N CYS A 91 -16.39 12.22 26.17
CA CYS A 91 -16.66 11.91 27.56
C CYS A 91 -15.44 12.29 28.38
N GLY A 92 -15.47 11.98 29.67
CA GLY A 92 -14.41 12.45 30.53
C GLY A 92 -13.10 11.74 30.45
N LEU A 93 -12.99 10.73 29.57
CA LEU A 93 -11.74 10.01 29.39
C LEU A 93 -10.73 10.89 28.70
N SER A 94 -9.45 10.58 28.90
CA SER A 94 -8.38 11.47 28.46
C SER A 94 -7.57 10.75 27.39
N LYS A 95 -6.43 11.32 27.04
CA LYS A 95 -5.49 10.55 26.24
C LYS A 95 -4.77 9.53 27.08
N ALA A 96 -4.76 9.74 28.40
CA ALA A 96 -4.03 8.87 29.30
C ALA A 96 -4.65 7.50 29.41
N VAL A 97 -5.95 7.35 29.11
CA VAL A 97 -6.56 6.02 29.25
C VAL A 97 -6.08 5.08 28.16
N LEU A 98 -5.97 5.57 26.93
CA LEU A 98 -5.40 4.72 25.89
C LEU A 98 -3.89 4.67 26.01
N VAL A 99 -3.29 5.63 26.71
CA VAL A 99 -1.88 5.46 27.06
C VAL A 99 -1.69 4.30 28.04
N LYS A 100 -2.57 4.20 29.04
CA LYS A 100 -2.56 3.07 29.98
C LYS A 100 -2.74 1.74 29.25
N ALA A 101 -3.67 1.70 28.30
CA ALA A 101 -3.90 0.49 27.51
C ALA A 101 -2.68 0.13 26.69
N ALA A 102 -2.10 1.11 25.99
CA ALA A 102 -0.93 0.86 25.15
C ALA A 102 0.26 0.40 25.97
N MET A 103 0.41 0.92 27.18
CA MET A 103 1.53 0.46 27.99
C MET A 103 1.27 -0.91 28.61
N ILE A 104 0.01 -1.31 28.80
CA ILE A 104 -0.28 -2.71 29.13
C ILE A 104 0.13 -3.63 27.99
N LEU A 105 -0.14 -3.22 26.74
CA LEU A 105 0.36 -3.96 25.60
C LEU A 105 1.88 -4.02 25.57
N ALA A 106 2.52 -2.91 25.96
CA ALA A 106 3.98 -2.85 26.00
C ALA A 106 4.53 -3.82 27.03
N VAL A 107 3.87 -3.94 28.18
CA VAL A 107 4.26 -4.92 29.20
C VAL A 107 4.16 -6.33 28.64
N PHE A 108 3.05 -6.65 27.98
CA PHE A 108 2.84 -7.99 27.44
C PHE A 108 3.88 -8.35 26.38
N THR A 109 4.06 -7.48 25.40
CA THR A 109 5.00 -7.77 24.32
C THR A 109 6.44 -7.67 24.79
N ALA A 110 6.72 -6.89 25.85
CA ALA A 110 8.06 -6.86 26.39
C ALA A 110 8.37 -8.14 27.15
N ILE A 111 7.37 -8.74 27.80
CA ILE A 111 7.53 -10.08 28.37
C ILE A 111 7.83 -11.08 27.28
N VAL A 112 7.17 -10.93 26.13
CA VAL A 112 7.43 -11.83 24.99
C VAL A 112 8.86 -11.69 24.49
N ALA A 113 9.31 -10.46 24.25
CA ALA A 113 10.66 -10.23 23.76
C ALA A 113 11.72 -10.55 24.81
N ALA A 114 11.36 -10.55 26.08
CA ALA A 114 12.31 -10.95 27.12
C ALA A 114 12.43 -12.47 27.18
N VAL A 115 11.31 -13.20 27.17
CA VAL A 115 11.39 -14.65 27.26
C VAL A 115 11.93 -15.25 25.97
N ASN A 116 11.90 -14.49 24.88
CA ASN A 116 12.65 -14.77 23.66
C ASN A 116 14.12 -15.05 23.99
N VAL A 117 14.83 -14.04 24.48
CA VAL A 117 16.25 -14.23 24.79
C VAL A 117 16.46 -14.96 26.11
N MET A 118 15.41 -15.27 26.86
CA MET A 118 15.55 -16.12 28.03
C MET A 118 15.57 -17.59 27.69
N TRP A 119 14.61 -18.09 26.89
CA TRP A 119 14.54 -19.53 26.67
C TRP A 119 14.57 -19.98 25.21
N ALA A 120 14.53 -19.07 24.23
CA ALA A 120 14.58 -19.53 22.84
C ALA A 120 15.51 -18.73 21.96
N GLY A 121 15.97 -17.55 22.37
CA GLY A 121 16.90 -16.77 21.58
C GLY A 121 18.27 -17.41 21.47
N PRO A 122 19.02 -17.48 22.57
CA PRO A 122 20.32 -18.15 22.54
C PRO A 122 20.23 -19.65 22.37
N TRP A 123 19.11 -20.27 22.77
CA TRP A 123 18.90 -21.70 22.53
C TRP A 123 18.93 -22.01 21.04
N SER A 124 18.11 -21.29 20.26
CA SER A 124 18.15 -21.42 18.82
C SER A 124 19.46 -20.92 18.25
N SER A 125 20.11 -19.97 18.92
CA SER A 125 21.38 -19.45 18.38
C SER A 125 22.50 -20.48 18.48
N ARG A 126 22.53 -21.27 19.56
CA ARG A 126 23.57 -22.28 19.72
C ARG A 126 23.12 -23.65 19.25
N HIS A 127 21.88 -23.79 18.75
CA HIS A 127 21.56 -24.93 17.91
C HIS A 127 21.54 -24.58 16.43
N GLN A 128 21.61 -23.29 16.10
CA GLN A 128 21.90 -22.81 14.75
C GLN A 128 23.39 -22.60 14.56
N ASP A 129 24.13 -22.53 15.67
CA ASP A 129 25.59 -22.52 15.61
C ASP A 129 26.11 -23.80 14.95
N GLU A 130 25.45 -24.92 15.22
CA GLU A 130 25.56 -26.07 14.35
C GLU A 130 24.53 -25.92 13.23
N VAL A 131 24.89 -26.36 12.05
CA VAL A 131 24.02 -26.27 10.89
C VAL A 131 23.46 -27.66 10.65
N LEU A 132 23.24 -28.38 11.77
CA LEU A 132 23.33 -29.83 11.86
C LEU A 132 24.67 -30.28 11.28
N ALA A 133 25.71 -29.83 12.00
CA ALA A 133 27.08 -29.94 11.50
C ALA A 133 27.57 -31.38 11.50
N GLU A 134 27.04 -32.24 12.38
CA GLU A 134 27.43 -33.65 12.35
C GLU A 134 26.85 -34.37 11.15
N ALA A 135 25.81 -33.83 10.52
CA ALA A 135 25.35 -34.32 9.24
C ALA A 135 25.84 -33.47 8.07
N LYS A 136 26.44 -32.31 8.35
CA LYS A 136 27.26 -31.65 7.34
C LYS A 136 28.54 -32.44 7.11
N ALA A 137 29.06 -33.05 8.17
CA ALA A 137 30.22 -33.93 8.03
C ALA A 137 29.79 -35.27 7.41
N ASN A 138 28.79 -35.91 7.98
CA ASN A 138 28.37 -37.23 7.51
C ASN A 138 27.63 -37.10 6.18
N PRO A 139 28.14 -37.67 5.09
CA PRO A 139 27.55 -37.42 3.78
C PRO A 139 26.24 -38.17 3.58
N GLY A 140 25.50 -37.74 2.56
CA GLY A 140 24.24 -38.32 2.18
C GLY A 140 24.15 -38.54 0.69
N MET A 141 23.15 -37.92 0.06
CA MET A 141 22.98 -37.95 -1.38
C MET A 141 23.28 -36.59 -2.01
N ALA A 142 24.32 -35.92 -1.50
CA ALA A 142 24.70 -34.58 -1.94
C ALA A 142 26.02 -34.65 -2.69
N ALA A 143 25.99 -34.34 -3.99
CA ALA A 143 27.18 -34.27 -4.82
C ALA A 143 27.42 -32.86 -5.38
N LEU A 144 26.39 -32.29 -6.03
CA LEU A 144 26.41 -30.94 -6.61
C LEU A 144 27.54 -30.78 -7.63
N ALA A 145 27.38 -31.49 -8.75
CA ALA A 145 28.35 -31.44 -9.83
C ALA A 145 28.43 -30.05 -10.44
N GLN A 146 29.53 -29.82 -11.18
CA GLN A 146 29.96 -28.51 -11.67
C GLN A 146 30.07 -27.49 -10.53
N GLY A 147 30.90 -27.84 -9.55
CA GLY A 147 31.12 -26.99 -8.40
C GLY A 147 32.07 -27.59 -7.37
N GLN A 148 31.77 -27.32 -6.10
CA GLN A 148 32.51 -27.80 -4.92
C GLN A 148 33.98 -27.34 -4.97
N PHE A 149 34.14 -26.02 -4.86
CA PHE A 149 35.49 -25.44 -4.83
C PHE A 149 36.12 -25.66 -3.46
N GLN A 150 35.56 -25.00 -2.43
CA GLN A 150 35.86 -25.14 -1.00
C GLN A 150 37.36 -25.09 -0.72
N GLN A 151 37.90 -23.88 -0.93
CA GLN A 151 39.33 -23.62 -0.73
C GLN A 151 39.79 -23.92 0.68
N ALA A 152 38.96 -23.64 1.69
CA ALA A 152 39.36 -23.75 3.07
C ALA A 152 39.44 -25.21 3.50
N THR A 153 40.57 -25.58 4.12
CA THR A 153 40.82 -26.89 4.75
C THR A 153 40.65 -28.06 3.78
N ASN A 154 40.98 -27.85 2.51
CA ASN A 154 41.00 -28.93 1.53
C ASN A 154 42.19 -28.84 0.57
N GLY A 155 43.08 -27.88 0.75
CA GLY A 155 44.03 -27.54 -0.29
C GLY A 155 43.33 -26.65 -1.30
N SER A 156 43.19 -27.15 -2.52
CA SER A 156 42.29 -26.55 -3.50
C SER A 156 41.56 -27.65 -4.26
N SER A 157 41.07 -28.65 -3.53
CA SER A 157 40.53 -29.86 -4.14
C SER A 157 39.16 -29.57 -4.74
N VAL A 158 39.10 -29.46 -6.06
CA VAL A 158 37.85 -29.33 -6.80
C VAL A 158 37.64 -30.60 -7.63
N LEU A 159 36.41 -31.08 -7.65
CA LEU A 159 36.10 -32.30 -8.38
C LEU A 159 34.69 -32.17 -8.96
N PHE A 160 34.63 -31.71 -10.22
CA PHE A 160 33.40 -31.61 -10.97
C PHE A 160 33.43 -32.63 -12.10
N ILE A 161 32.26 -32.94 -12.65
CA ILE A 161 32.13 -33.93 -13.71
C ILE A 161 31.32 -33.32 -14.83
N GLU A 162 31.88 -33.32 -16.06
CA GLU A 162 31.14 -32.84 -17.22
C GLU A 162 30.29 -34.00 -17.75
N SER A 163 29.17 -34.22 -17.07
CA SER A 163 28.23 -35.28 -17.42
C SER A 163 26.84 -34.70 -17.59
N VAL A 164 25.84 -35.56 -17.70
CA VAL A 164 24.45 -35.11 -17.80
C VAL A 164 23.75 -35.36 -16.48
N ASP A 165 23.63 -36.64 -16.11
CA ASP A 165 22.89 -37.01 -14.92
C ASP A 165 23.63 -37.99 -14.01
N GLY A 166 24.74 -38.55 -14.44
CA GLY A 166 25.53 -39.41 -13.57
C GLY A 166 25.81 -40.81 -14.07
N SER A 167 25.79 -41.02 -15.38
CA SER A 167 26.02 -42.33 -15.96
C SER A 167 27.23 -42.43 -16.87
N ASP A 168 27.58 -41.34 -17.58
CA ASP A 168 28.77 -41.31 -18.43
C ASP A 168 29.57 -40.06 -18.08
N PHE A 169 30.73 -40.25 -17.45
CA PHE A 169 31.50 -39.16 -16.89
C PHE A 169 32.56 -38.66 -17.87
N LYS A 170 32.84 -37.37 -17.81
CA LYS A 170 33.91 -36.74 -18.58
C LYS A 170 34.62 -35.74 -17.68
N ASP A 171 35.93 -35.92 -17.52
CA ASP A 171 36.81 -35.03 -16.74
C ASP A 171 36.33 -34.88 -15.30
N VAL A 172 36.40 -35.98 -14.56
CA VAL A 172 36.09 -35.97 -13.12
C VAL A 172 37.10 -35.11 -12.37
N PHE A 173 38.36 -35.14 -12.82
CA PHE A 173 39.36 -34.07 -12.71
C PHE A 173 39.94 -33.86 -11.31
N LEU A 174 39.26 -34.37 -10.27
CA LEU A 174 39.74 -34.80 -8.95
C LEU A 174 40.95 -34.06 -8.38
N ALA A 175 40.85 -32.74 -8.22
CA ALA A 175 42.04 -31.96 -7.90
C ALA A 175 42.47 -32.16 -6.45
N GLN A 176 43.70 -31.76 -6.16
CA GLN A 176 44.26 -31.81 -4.82
C GLN A 176 44.98 -30.50 -4.54
N SER A 186 49.36 -32.62 -7.52
CA SER A 186 48.60 -31.66 -8.32
C SER A 186 47.19 -32.18 -8.51
N VAL A 187 46.93 -32.84 -9.64
CA VAL A 187 45.62 -33.41 -9.92
C VAL A 187 45.78 -34.88 -10.32
N VAL A 188 44.84 -35.71 -9.88
CA VAL A 188 44.64 -37.04 -10.42
C VAL A 188 43.45 -36.97 -11.37
N VAL A 189 43.57 -37.61 -12.53
CA VAL A 189 42.60 -37.47 -13.61
C VAL A 189 41.89 -38.81 -13.81
N ALA A 190 40.56 -38.76 -13.84
CA ALA A 190 39.74 -39.95 -13.95
C ALA A 190 39.02 -39.98 -15.29
N ASP A 191 38.86 -41.18 -15.84
CA ASP A 191 38.18 -41.42 -17.11
C ASP A 191 36.76 -41.96 -16.92
N SER A 192 36.62 -43.00 -16.09
CA SER A 192 35.33 -43.61 -15.79
C SER A 192 35.01 -43.42 -14.31
N GLY A 193 33.73 -43.59 -13.98
CA GLY A 193 33.32 -43.44 -12.60
C GLY A 193 31.90 -43.91 -12.39
N HIS A 194 31.59 -44.14 -11.12
CA HIS A 194 30.25 -44.53 -10.64
C HIS A 194 30.07 -43.87 -9.27
N LEU A 195 29.12 -44.37 -8.49
CA LEU A 195 28.78 -43.68 -7.25
C LEU A 195 28.22 -44.65 -6.21
N THR A 196 28.83 -44.64 -5.02
CA THR A 196 28.27 -45.26 -3.81
C THR A 196 28.40 -44.30 -2.64
N GLN A 197 27.58 -44.52 -1.62
CA GLN A 197 27.58 -43.73 -0.40
C GLN A 197 28.03 -44.60 0.77
N LEU A 198 28.00 -44.01 1.97
CA LEU A 198 28.26 -44.77 3.18
C LEU A 198 27.06 -45.64 3.55
N GLN A 203 31.89 -42.06 1.68
CA GLN A 203 33.06 -41.40 1.13
C GLN A 203 33.69 -42.29 0.06
N VAL A 204 33.19 -43.52 -0.04
CA VAL A 204 33.73 -44.50 -0.97
C VAL A 204 32.99 -44.34 -2.30
N VAL A 205 33.68 -43.76 -3.27
CA VAL A 205 33.17 -43.63 -4.63
C VAL A 205 33.79 -44.75 -5.48
N THR A 206 32.96 -45.41 -6.28
CA THR A 206 33.37 -46.59 -7.02
C THR A 206 33.75 -46.26 -8.48
N LEU A 207 34.79 -45.44 -8.61
CA LEU A 207 35.29 -45.09 -9.94
C LEU A 207 36.29 -46.12 -10.43
N ASN A 208 36.38 -46.24 -11.76
CA ASN A 208 37.12 -47.33 -12.39
C ASN A 208 38.59 -46.99 -12.61
N GLN A 209 38.87 -45.94 -13.38
CA GLN A 209 40.24 -45.58 -13.76
C GLN A 209 40.69 -44.30 -13.06
N GLY A 210 42.00 -44.09 -13.07
CA GLY A 210 42.59 -42.89 -12.51
C GLY A 210 44.03 -42.76 -12.92
N THR A 211 44.51 -41.51 -12.98
CA THR A 211 45.90 -41.23 -13.36
C THR A 211 46.41 -40.09 -12.49
N ARG A 212 47.25 -40.42 -11.52
CA ARG A 212 47.79 -39.42 -10.60
C ARG A 212 48.91 -38.63 -11.28
N PHE A 213 48.96 -37.34 -10.99
CA PHE A 213 50.05 -36.48 -11.43
C PHE A 213 50.30 -35.40 -10.39
N GLU A 214 51.58 -35.10 -10.15
CA GLU A 214 51.91 -34.10 -9.14
C GLU A 214 53.08 -33.19 -9.53
N GLY A 215 53.50 -33.20 -10.80
CA GLY A 215 54.66 -32.43 -11.20
C GLY A 215 54.39 -30.94 -11.36
N THR A 216 55.05 -30.13 -10.52
CA THR A 216 54.93 -28.69 -10.60
C THR A 216 55.94 -28.10 -11.59
N ALA A 217 57.20 -28.46 -11.45
CA ALA A 217 58.27 -27.96 -12.30
C ALA A 217 58.85 -29.10 -13.14
N LEU A 218 59.85 -28.76 -13.96
CA LEU A 218 60.49 -29.77 -14.80
C LEU A 218 61.58 -30.52 -14.05
N LEU A 219 62.25 -29.85 -13.12
CA LEU A 219 63.30 -30.48 -12.32
C LEU A 219 62.75 -31.46 -11.31
N ARG A 220 61.46 -31.37 -10.99
CA ARG A 220 60.83 -32.24 -10.00
C ARG A 220 60.51 -33.61 -10.63
N ASP A 221 59.77 -34.42 -9.89
CA ASP A 221 59.37 -35.73 -10.38
C ASP A 221 58.27 -35.61 -11.43
N PHE A 222 58.17 -36.65 -12.26
CA PHE A 222 57.11 -36.76 -13.27
C PHE A 222 56.45 -38.10 -13.01
N ARG A 223 55.48 -38.10 -12.07
CA ARG A 223 54.93 -39.34 -11.52
C ARG A 223 53.62 -39.66 -12.21
N ILE A 224 53.54 -40.88 -12.74
CA ILE A 224 52.32 -41.39 -13.36
C ILE A 224 51.93 -42.66 -12.62
N THR A 225 50.63 -42.88 -12.44
CA THR A 225 50.13 -44.21 -12.16
C THR A 225 49.18 -44.61 -13.28
N ASP A 226 48.97 -45.90 -13.43
CA ASP A 226 48.17 -46.43 -14.52
C ASP A 226 46.73 -46.58 -14.05
N PHE A 227 45.90 -47.22 -14.87
CA PHE A 227 44.54 -47.54 -14.45
C PHE A 227 44.59 -48.67 -13.43
N GLN A 228 44.02 -48.42 -12.25
CA GLN A 228 44.15 -49.32 -11.12
C GLN A 228 42.79 -49.47 -10.44
N ASP A 229 42.75 -50.31 -9.43
CA ASP A 229 41.54 -50.51 -8.62
C ASP A 229 41.60 -49.63 -7.38
N TYR A 230 41.71 -48.32 -7.59
CA TYR A 230 41.76 -47.36 -6.50
C TYR A 230 40.43 -46.63 -6.39
N GLN A 231 40.08 -46.27 -5.16
CA GLN A 231 38.72 -45.86 -4.81
C GLN A 231 38.56 -44.37 -4.56
N ALA A 232 39.66 -43.60 -4.50
CA ALA A 232 39.69 -42.13 -4.49
C ALA A 232 38.90 -41.56 -3.31
N ILE A 233 39.45 -41.78 -2.11
CA ILE A 233 38.88 -41.19 -0.90
C ILE A 233 39.44 -39.78 -0.74
N ILE A 234 38.81 -38.81 -1.40
CA ILE A 234 39.02 -37.40 -1.08
C ILE A 234 37.63 -36.78 -0.94
N GLY A 235 37.07 -36.87 0.26
CA GLY A 235 35.77 -36.31 0.58
C GLY A 235 35.70 -35.93 2.04
N HIS A 236 36.86 -35.75 2.67
CA HIS A 236 37.04 -35.86 4.10
C HIS A 236 36.25 -34.80 4.88
N GLN A 237 35.80 -35.19 6.07
CA GLN A 237 34.98 -34.36 6.94
C GLN A 237 35.84 -33.22 7.49
N ALA A 238 35.84 -32.10 6.79
CA ALA A 238 36.69 -30.96 7.12
C ALA A 238 35.94 -30.05 8.09
N VAL A 239 36.31 -30.11 9.36
CA VAL A 239 35.79 -29.21 10.39
C VAL A 239 36.69 -27.97 10.34
N ALA A 240 36.26 -26.88 10.99
CA ALA A 240 37.03 -25.64 11.02
C ALA A 240 38.29 -25.72 11.89
N LEU A 241 38.51 -26.83 12.60
CA LEU A 241 39.71 -27.04 13.39
C LEU A 241 40.81 -27.71 12.61
N ASP A 242 40.81 -27.56 11.28
CA ASP A 242 41.81 -28.17 10.41
C ASP A 242 42.76 -27.09 9.92
N ALA A 264 25.57 -5.24 21.03
CA ALA A 264 25.79 -6.15 22.15
C ALA A 264 24.49 -6.80 22.61
N GLU A 265 24.57 -8.00 23.20
CA GLU A 265 23.40 -8.52 23.91
C GLU A 265 23.14 -7.70 25.15
N LEU A 266 24.20 -7.17 25.76
CA LEU A 266 24.09 -6.15 26.80
C LEU A 266 23.38 -4.92 26.26
N ASN A 267 23.51 -4.65 24.96
CA ASN A 267 22.76 -3.57 24.32
C ASN A 267 21.34 -4.02 23.92
N TRP A 268 21.19 -5.16 23.24
CA TRP A 268 19.87 -5.49 22.69
C TRP A 268 18.86 -5.88 23.76
N ARG A 269 19.30 -6.57 24.81
CA ARG A 269 18.38 -7.00 25.86
C ARG A 269 17.70 -5.82 26.55
N ILE A 270 18.38 -4.67 26.60
CA ILE A 270 17.73 -3.49 27.13
C ILE A 270 17.10 -2.63 26.03
N THR A 271 17.69 -2.54 24.83
CA THR A 271 17.13 -1.59 23.89
C THR A 271 15.91 -2.12 23.16
N LEU A 272 15.76 -3.43 22.95
CA LEU A 272 14.54 -3.89 22.30
C LEU A 272 13.35 -3.87 23.25
N VAL A 273 13.60 -4.15 24.53
CA VAL A 273 12.56 -3.95 25.52
C VAL A 273 12.25 -2.48 25.69
N PHE A 274 13.23 -1.60 25.45
CA PHE A 274 12.92 -0.18 25.47
C PHE A 274 12.14 0.26 24.23
N THR A 275 12.35 -0.39 23.08
CA THR A 275 11.51 -0.11 21.92
C THR A 275 10.08 -0.49 22.18
N VAL A 276 9.87 -1.70 22.72
CA VAL A 276 8.52 -2.17 23.00
C VAL A 276 7.87 -1.28 24.06
N PHE A 277 8.66 -0.81 25.02
CA PHE A 277 8.13 0.03 26.07
C PHE A 277 7.93 1.47 25.60
N MET A 278 8.57 1.88 24.51
CA MET A 278 8.51 3.27 24.08
C MET A 278 7.59 3.52 22.89
N MET A 279 7.54 2.60 21.92
CA MET A 279 6.77 2.85 20.71
C MET A 279 5.28 2.86 20.96
N ALA A 280 4.82 2.12 21.97
CA ALA A 280 3.42 2.17 22.39
C ALA A 280 3.05 3.56 22.88
N LEU A 281 3.93 4.19 23.63
CA LEU A 281 3.72 5.56 24.06
C LEU A 281 4.02 6.57 22.95
N MET A 282 4.73 6.14 21.92
CA MET A 282 5.13 7.04 20.85
C MET A 282 4.11 7.11 19.73
N VAL A 283 3.30 6.07 19.55
CA VAL A 283 2.46 6.00 18.36
C VAL A 283 1.09 6.64 18.57
N VAL A 284 0.57 6.66 19.79
CA VAL A 284 -0.70 7.30 20.13
C VAL A 284 -0.77 8.80 19.80
N PRO A 285 0.30 9.62 19.90
CA PRO A 285 0.13 10.98 19.37
C PRO A 285 0.24 11.04 17.85
N LEU A 286 0.57 9.93 17.20
CA LEU A 286 0.67 9.92 15.75
C LEU A 286 -0.49 9.18 15.08
N SER A 287 -1.33 8.51 15.86
CA SER A 287 -2.55 7.92 15.34
C SER A 287 -3.74 8.87 15.52
N VAL A 288 -3.75 9.93 14.72
CA VAL A 288 -4.63 11.07 14.94
C VAL A 288 -5.49 11.43 13.75
N VAL A 289 -5.89 10.44 12.94
CA VAL A 289 -6.11 10.52 11.50
C VAL A 289 -6.90 11.74 11.03
N ASN A 290 -6.26 12.57 10.23
CA ASN A 290 -6.80 13.85 9.84
C ASN A 290 -7.81 13.69 8.72
N PRO A 291 -8.80 14.57 8.60
CA PRO A 291 -9.84 14.36 7.59
C PRO A 291 -9.35 14.55 6.16
N ARG A 292 -8.50 15.54 5.93
CA ARG A 292 -8.12 15.92 4.58
C ARG A 292 -7.09 14.98 3.97
N GLN A 293 -6.06 14.58 4.71
CA GLN A 293 -4.93 13.85 4.17
C GLN A 293 -5.17 12.34 4.10
N GLY A 294 -6.36 11.89 4.48
CA GLY A 294 -6.62 10.48 4.28
C GLY A 294 -6.05 9.62 5.38
N ARG A 295 -6.28 8.32 5.26
CA ARG A 295 -6.00 7.39 6.35
C ARG A 295 -4.62 6.76 6.24
N VAL A 296 -4.18 6.37 5.04
CA VAL A 296 -2.88 5.74 4.97
C VAL A 296 -1.76 6.78 4.99
N LEU A 297 -2.01 8.00 4.50
CA LEU A 297 -1.03 9.08 4.66
C LEU A 297 -0.96 9.58 6.09
N SER A 298 -1.90 9.16 6.94
CA SER A 298 -1.82 9.35 8.38
C SER A 298 -1.00 8.26 9.05
N MET A 299 -0.15 7.58 8.30
CA MET A 299 0.72 6.56 8.83
C MET A 299 2.17 6.78 8.40
N LEU A 300 2.38 7.56 7.33
CA LEU A 300 3.72 7.94 6.87
C LEU A 300 4.63 8.55 7.94
N PRO A 301 4.21 9.50 8.80
CA PRO A 301 5.20 10.02 9.76
C PRO A 301 5.56 9.03 10.85
N ALA A 302 4.61 8.18 11.26
CA ALA A 302 4.93 7.16 12.24
C ALA A 302 5.89 6.13 11.67
N MET A 303 5.66 5.69 10.43
CA MET A 303 6.57 4.72 9.83
C MET A 303 7.92 5.34 9.51
N LEU A 304 7.92 6.60 9.06
CA LEU A 304 9.13 7.36 8.77
C LEU A 304 9.94 7.68 10.02
N LEU A 305 9.33 7.70 11.20
CA LEU A 305 10.14 7.82 12.41
C LEU A 305 10.54 6.47 12.98
N TYR A 306 9.71 5.44 12.81
CA TYR A 306 10.03 4.12 13.32
C TYR A 306 11.21 3.51 12.59
N LEU A 307 11.17 3.55 11.26
CA LEU A 307 12.27 2.95 10.53
C LEU A 307 13.50 3.84 10.54
N LEU A 308 13.35 5.15 10.71
CA LEU A 308 14.52 5.99 10.94
C LEU A 308 15.18 5.62 12.27
N PHE A 309 14.37 5.28 13.27
CA PHE A 309 14.91 4.78 14.52
C PHE A 309 15.72 3.51 14.34
N PHE A 310 15.10 2.47 13.76
CA PHE A 310 15.82 1.20 13.60
C PHE A 310 16.98 1.33 12.65
N LEU A 311 16.90 2.25 11.70
CA LEU A 311 17.99 2.51 10.78
C LEU A 311 19.20 3.07 11.52
N ILE A 312 18.98 4.09 12.36
CA ILE A 312 20.08 4.68 13.11
C ILE A 312 20.60 3.73 14.17
N GLN A 313 19.73 2.90 14.77
CA GLN A 313 20.19 1.90 15.73
C GLN A 313 21.08 0.85 15.06
N THR A 314 20.69 0.40 13.86
CA THR A 314 21.50 -0.61 13.19
C THR A 314 22.79 -0.01 12.67
N SER A 315 22.77 1.27 12.27
CA SER A 315 24.00 1.93 11.85
C SER A 315 24.93 2.14 13.03
N LEU A 316 24.39 2.45 14.20
CA LEU A 316 25.18 2.57 15.41
C LEU A 316 25.48 1.24 16.05
N LYS A 317 25.08 0.14 15.41
CA LYS A 317 25.62 -1.18 15.73
C LYS A 317 26.81 -1.52 14.83
N SER A 318 27.56 -0.50 14.41
CA SER A 318 28.70 -0.71 13.51
C SER A 318 29.86 -1.37 14.24
N ASN A 319 30.42 -0.69 15.25
CA ASN A 319 31.39 -1.30 16.14
C ASN A 319 30.62 -1.94 17.29
N GLY A 320 30.68 -3.27 17.38
CA GLY A 320 30.01 -3.96 18.46
C GLY A 320 30.90 -4.79 19.35
N GLY A 321 31.99 -5.35 18.80
CA GLY A 321 32.95 -6.13 19.54
C GLY A 321 32.46 -7.43 20.15
N LYS A 322 31.19 -7.81 19.91
CA LYS A 322 30.55 -9.02 20.40
C LYS A 322 30.61 -9.10 21.93
N GLY A 323 29.88 -8.18 22.55
CA GLY A 323 29.73 -8.23 23.99
C GLY A 323 30.69 -7.37 24.77
N LYS A 324 31.77 -7.96 25.27
CA LYS A 324 32.69 -7.33 26.23
C LYS A 324 33.63 -6.30 25.60
N LEU A 325 33.41 -5.90 24.35
CA LEU A 325 34.21 -4.87 23.68
C LEU A 325 33.22 -3.86 23.10
N ASP A 326 32.81 -2.90 23.91
CA ASP A 326 31.85 -1.91 23.42
C ASP A 326 32.50 -0.53 23.40
N PRO A 327 32.98 -0.06 22.23
CA PRO A 327 33.74 1.20 22.17
C PRO A 327 32.94 2.45 21.88
N THR A 328 31.61 2.40 21.80
CA THR A 328 30.82 3.59 21.56
C THR A 328 29.46 3.45 22.21
N LEU A 329 28.94 4.58 22.70
CA LEU A 329 27.59 4.64 23.26
C LEU A 329 26.92 5.93 22.74
N TRP A 330 26.94 6.11 21.43
CA TRP A 330 26.05 7.08 20.80
C TRP A 330 24.64 6.55 20.62
N MET A 331 24.38 5.30 20.98
CA MET A 331 23.06 4.72 20.76
C MET A 331 22.04 5.20 21.78
N TRP A 332 22.45 5.42 23.02
CA TRP A 332 21.51 5.94 23.98
C TRP A 332 21.24 7.42 23.80
N THR A 333 22.04 8.10 22.98
CA THR A 333 21.67 9.43 22.52
C THR A 333 20.38 9.39 21.72
N VAL A 334 20.28 8.49 20.73
CA VAL A 334 19.06 8.44 19.94
C VAL A 334 17.94 7.78 20.72
N ASN A 335 18.28 6.89 21.66
CA ASN A 335 17.24 6.30 22.51
C ASN A 335 16.62 7.34 23.42
N LEU A 336 17.43 8.16 24.07
CA LEU A 336 16.92 9.20 24.93
C LEU A 336 16.23 10.30 24.14
N ILE A 337 16.72 10.62 22.94
CA ILE A 337 16.09 11.71 22.22
C ILE A 337 14.80 11.24 21.55
N TYR A 338 14.62 9.94 21.28
CA TYR A 338 13.31 9.50 20.84
C TYR A 338 12.35 9.28 22.00
N LEU A 339 12.86 8.95 23.19
CA LEU A 339 11.99 9.00 24.36
C LEU A 339 11.52 10.42 24.64
N ALA A 340 12.41 11.40 24.45
CA ALA A 340 12.03 12.80 24.59
C ALA A 340 11.07 13.23 23.48
N LEU A 341 11.25 12.70 22.28
CA LEU A 341 10.33 13.01 21.18
C LEU A 341 8.95 12.45 21.45
N ALA A 342 8.88 11.25 22.02
CA ALA A 342 7.60 10.67 22.41
C ALA A 342 6.93 11.49 23.51
N ILE A 343 7.69 11.87 24.53
CA ILE A 343 7.09 12.63 25.61
C ILE A 343 6.65 14.01 25.14
N VAL A 344 7.50 14.68 24.38
CA VAL A 344 7.17 16.00 23.85
C VAL A 344 5.97 15.92 22.94
N LEU A 345 5.92 14.89 22.11
CA LEU A 345 4.81 14.67 21.22
C LEU A 345 3.54 14.57 22.05
N ASN A 346 3.51 13.58 22.93
CA ASN A 346 2.30 13.38 23.73
C ASN A 346 1.83 14.69 24.35
N LEU A 347 2.68 15.33 25.12
CA LEU A 347 2.26 16.44 25.96
C LEU A 347 2.10 17.69 25.13
N TRP A 348 1.14 18.54 25.53
CA TRP A 348 0.85 19.71 24.70
C TRP A 348 0.45 20.93 25.54
N ASP A 349 1.02 21.09 26.74
CA ASP A 349 0.70 22.26 27.56
C ASP A 349 1.46 23.50 27.07
N VAL B 6 -7.51 15.64 -25.83
CA VAL B 6 -7.97 14.31 -25.46
C VAL B 6 -7.68 14.06 -23.98
N LEU B 7 -8.46 13.17 -23.38
CA LEU B 7 -8.19 12.68 -22.04
C LEU B 7 -7.31 11.44 -22.07
N ASP B 8 -7.01 10.95 -23.28
CA ASP B 8 -5.90 10.03 -23.49
C ASP B 8 -4.63 10.60 -22.89
N ARG B 9 -4.35 11.87 -23.18
CA ARG B 9 -3.27 12.62 -22.54
C ARG B 9 -3.42 12.61 -21.03
N TYR B 10 -4.67 12.74 -20.53
CA TYR B 10 -4.89 12.89 -19.10
C TYR B 10 -4.56 11.61 -18.35
N ILE B 11 -5.11 10.48 -18.81
CA ILE B 11 -4.83 9.20 -18.16
C ILE B 11 -3.36 8.84 -18.33
N GLY B 12 -2.79 9.13 -19.50
CA GLY B 12 -1.41 8.76 -19.75
C GLY B 12 -0.43 9.53 -18.88
N LYS B 13 -0.58 10.86 -18.84
CA LYS B 13 0.33 11.66 -18.03
C LYS B 13 0.07 11.42 -16.55
N THR B 14 -1.17 11.11 -16.17
CA THR B 14 -1.48 10.83 -14.77
C THR B 14 -0.79 9.55 -14.29
N ILE B 15 -0.95 8.47 -15.05
CA ILE B 15 -0.29 7.21 -14.70
C ILE B 15 1.23 7.37 -14.77
N PHE B 16 1.73 8.13 -15.74
CA PHE B 16 3.17 8.30 -15.87
C PHE B 16 3.75 9.08 -14.71
N THR B 17 3.09 10.14 -14.27
CA THR B 17 3.65 10.88 -13.16
C THR B 17 3.46 10.15 -11.84
N THR B 18 2.47 9.28 -11.72
CA THR B 18 2.37 8.48 -10.51
C THR B 18 3.45 7.40 -10.49
N ILE B 19 3.76 6.84 -11.66
CA ILE B 19 4.89 5.92 -11.81
C ILE B 19 6.19 6.61 -11.40
N MET B 20 6.42 7.82 -11.93
CA MET B 20 7.67 8.51 -11.65
C MET B 20 7.78 8.93 -10.20
N MET B 21 6.66 9.32 -9.58
CA MET B 21 6.71 9.71 -8.18
C MET B 21 6.96 8.52 -7.27
N THR B 22 6.21 7.41 -7.44
CA THR B 22 6.46 6.25 -6.60
C THR B 22 7.80 5.60 -6.93
N LEU B 23 8.30 5.81 -8.14
CA LEU B 23 9.59 5.26 -8.52
C LEU B 23 10.71 6.02 -7.85
N PHE B 24 10.60 7.34 -7.82
CA PHE B 24 11.58 8.14 -7.09
C PHE B 24 11.52 7.85 -5.60
N MET B 25 10.33 7.57 -5.07
CA MET B 25 10.21 7.21 -3.66
C MET B 25 10.88 5.89 -3.36
N LEU B 26 10.60 4.85 -4.15
CA LEU B 26 11.22 3.55 -3.92
C LEU B 26 12.68 3.51 -4.34
N VAL B 27 13.16 4.46 -5.12
CA VAL B 27 14.59 4.61 -5.32
C VAL B 27 15.25 5.22 -4.09
N SER B 28 14.65 6.29 -3.55
CA SER B 28 15.28 7.02 -2.45
C SER B 28 15.31 6.18 -1.17
N LEU B 29 14.25 5.39 -0.93
CA LEU B 29 14.20 4.57 0.28
C LEU B 29 15.27 3.48 0.26
N SER B 30 15.32 2.70 -0.81
CA SER B 30 16.32 1.65 -0.90
C SER B 30 17.72 2.22 -1.06
N GLY B 31 17.84 3.43 -1.61
CA GLY B 31 19.13 4.07 -1.71
C GLY B 31 19.70 4.44 -0.36
N ILE B 32 18.88 5.05 0.50
CA ILE B 32 19.42 5.41 1.81
C ILE B 32 19.58 4.18 2.70
N ILE B 33 18.77 3.13 2.47
CA ILE B 33 18.93 1.93 3.27
C ILE B 33 20.21 1.18 2.88
N LYS B 34 20.51 1.08 1.59
CA LYS B 34 21.78 0.45 1.22
C LYS B 34 22.97 1.38 1.50
N PHE B 35 22.73 2.69 1.55
CA PHE B 35 23.76 3.63 1.97
C PHE B 35 24.18 3.39 3.41
N VAL B 36 23.21 3.32 4.32
CA VAL B 36 23.57 3.03 5.70
C VAL B 36 23.85 1.55 5.93
N ASP B 37 23.63 0.70 4.94
CA ASP B 37 24.07 -0.68 5.05
C ASP B 37 25.55 -0.81 4.73
N GLN B 38 25.99 -0.20 3.64
CA GLN B 38 27.43 -0.16 3.37
C GLN B 38 28.15 0.85 4.21
N LEU B 39 27.44 1.64 5.01
CA LEU B 39 28.08 2.40 6.07
C LEU B 39 28.51 1.51 7.23
N LYS B 40 28.06 0.25 7.28
CA LYS B 40 28.56 -0.71 8.26
C LYS B 40 29.80 -1.44 7.79
N LYS B 41 30.42 -1.04 6.67
CA LYS B 41 31.69 -1.61 6.28
C LYS B 41 32.68 -0.61 5.73
N ALA B 42 32.35 0.68 5.73
CA ALA B 42 33.21 1.68 5.10
C ALA B 42 34.26 2.23 6.07
N GLY B 43 34.98 1.32 6.72
CA GLY B 43 36.12 1.68 7.54
C GLY B 43 37.41 1.77 6.77
N GLN B 44 37.37 1.48 5.47
CA GLN B 44 38.53 1.59 4.60
C GLN B 44 38.28 2.44 3.38
N GLY B 45 37.03 2.82 3.11
CA GLY B 45 36.69 3.61 1.94
C GLY B 45 36.79 5.09 2.24
N SER B 46 35.65 5.78 2.24
CA SER B 46 35.63 7.18 2.63
C SER B 46 34.25 7.50 3.19
N TYR B 47 34.01 8.81 3.38
CA TYR B 47 32.70 9.30 3.80
C TYR B 47 31.64 9.00 2.76
N ASP B 48 32.03 9.00 1.50
CA ASP B 48 31.11 8.82 0.40
C ASP B 48 31.51 7.73 -0.58
N ALA B 49 32.70 7.13 -0.44
CA ALA B 49 33.24 6.22 -1.46
C ALA B 49 32.44 4.93 -1.52
N LEU B 50 32.16 4.32 -0.36
CA LEU B 50 31.12 3.31 -0.28
C LEU B 50 29.77 3.93 0.05
N GLY B 51 29.59 5.18 -0.32
CA GLY B 51 28.38 5.93 -0.10
C GLY B 51 27.94 6.64 -1.35
N ALA B 52 27.84 7.97 -1.28
CA ALA B 52 27.05 8.75 -2.24
C ALA B 52 27.64 8.69 -3.65
N GLY B 53 28.97 8.67 -3.75
CA GLY B 53 29.62 8.53 -5.05
C GLY B 53 29.39 7.17 -5.69
N MET B 54 29.03 6.18 -4.89
CA MET B 54 28.67 4.86 -5.38
C MET B 54 27.17 4.73 -5.65
N TYR B 55 26.33 5.38 -4.85
CA TYR B 55 24.89 5.23 -5.04
C TYR B 55 24.29 6.17 -6.05
N THR B 56 24.97 7.28 -6.39
CA THR B 56 24.51 8.11 -7.49
C THR B 56 24.61 7.38 -8.83
N LEU B 57 25.39 6.29 -8.88
CA LEU B 57 25.41 5.33 -9.96
C LEU B 57 24.54 4.12 -9.64
N LEU B 58 24.48 3.72 -8.38
CA LEU B 58 23.84 2.46 -8.04
C LEU B 58 22.33 2.60 -7.90
N SER B 59 21.78 3.80 -8.08
CA SER B 59 20.33 3.91 -8.01
C SER B 59 19.66 3.30 -9.22
N VAL B 60 20.27 3.40 -10.40
CA VAL B 60 19.63 2.92 -11.61
C VAL B 60 19.51 1.40 -11.81
N PRO B 61 20.36 0.50 -11.27
CA PRO B 61 20.02 -0.93 -11.41
C PRO B 61 18.85 -1.36 -10.55
N LYS B 62 18.60 -0.67 -9.45
CA LYS B 62 17.32 -0.81 -8.75
C LYS B 62 16.18 -0.41 -9.67
N ASP B 63 16.32 0.78 -10.26
CA ASP B 63 15.36 1.41 -11.16
C ASP B 63 15.02 0.54 -12.37
N VAL B 64 15.94 -0.33 -12.80
CA VAL B 64 15.63 -1.19 -13.94
C VAL B 64 14.65 -2.29 -13.55
N GLN B 65 15.03 -3.11 -12.57
CA GLN B 65 14.35 -4.38 -12.40
C GLN B 65 13.98 -4.70 -10.97
N ILE B 66 14.57 -4.04 -9.99
CA ILE B 66 14.37 -4.47 -8.61
C ILE B 66 13.03 -4.00 -8.09
N PHE B 67 12.73 -2.71 -8.29
CA PHE B 67 11.49 -2.12 -7.81
C PHE B 67 10.54 -1.76 -8.92
N PHE B 68 11.00 -1.66 -10.15
CA PHE B 68 10.24 -1.14 -11.27
C PHE B 68 8.99 -1.95 -11.63
N PRO B 69 8.92 -3.28 -11.42
CA PRO B 69 7.59 -3.91 -11.45
C PRO B 69 6.72 -3.58 -10.25
N MET B 70 7.29 -3.58 -9.04
CA MET B 70 6.49 -3.24 -7.87
C MET B 70 6.07 -1.78 -7.90
N ALA B 71 7.00 -0.89 -8.29
CA ALA B 71 6.63 0.50 -8.49
C ALA B 71 5.71 0.66 -9.68
N ALA B 72 5.78 -0.24 -10.66
CA ALA B 72 4.86 -0.19 -11.78
C ALA B 72 3.44 -0.45 -11.34
N LEU B 73 3.24 -1.47 -10.49
CA LEU B 73 1.90 -1.74 -9.98
C LEU B 73 1.44 -0.61 -9.06
N LEU B 74 2.30 -0.14 -8.15
CA LEU B 74 1.85 0.86 -7.20
C LEU B 74 1.57 2.21 -7.88
N GLY B 75 2.35 2.56 -8.90
CA GLY B 75 2.08 3.78 -9.63
C GLY B 75 0.83 3.68 -10.46
N ALA B 76 0.72 2.62 -11.29
CA ALA B 76 -0.48 2.49 -12.09
C ALA B 76 -1.69 2.02 -11.28
N LEU B 77 -1.54 1.81 -9.98
CA LEU B 77 -2.65 1.54 -9.09
C LEU B 77 -3.11 2.79 -8.34
N LEU B 78 -2.20 3.54 -7.74
CA LEU B 78 -2.60 4.76 -7.07
C LEU B 78 -3.01 5.83 -8.07
N GLY B 79 -2.32 5.93 -9.20
CA GLY B 79 -2.66 6.93 -10.19
C GLY B 79 -3.95 6.64 -10.92
N LEU B 80 -4.44 5.42 -10.85
CA LEU B 80 -5.74 5.08 -11.40
C LEU B 80 -6.76 4.84 -10.29
N GLY B 81 -6.33 4.85 -9.04
CA GLY B 81 -7.24 4.80 -7.93
C GLY B 81 -7.63 6.19 -7.53
N MET B 82 -6.79 7.17 -7.88
CA MET B 82 -7.19 8.57 -7.83
C MET B 82 -8.44 8.80 -8.66
N LEU B 83 -8.51 8.18 -9.83
CA LEU B 83 -9.65 8.42 -10.71
C LEU B 83 -10.89 7.69 -10.22
N ALA B 84 -10.77 6.78 -9.27
CA ALA B 84 -11.95 6.22 -8.65
C ALA B 84 -12.22 6.81 -7.28
N GLN B 85 -11.20 7.33 -6.60
CA GLN B 85 -11.43 8.03 -5.34
C GLN B 85 -12.18 9.33 -5.58
N ARG B 86 -11.79 10.07 -6.61
CA ARG B 86 -12.39 11.36 -6.90
C ARG B 86 -13.66 11.24 -7.72
N SER B 87 -14.20 10.03 -7.86
CA SER B 87 -15.37 9.69 -8.69
C SER B 87 -15.23 10.28 -10.07
N GLU B 88 -14.22 9.81 -10.77
CA GLU B 88 -13.73 10.44 -11.98
C GLU B 88 -13.50 9.46 -13.12
N LEU B 89 -13.18 8.20 -12.82
CA LEU B 89 -13.15 7.19 -13.85
C LEU B 89 -14.57 6.82 -14.26
N VAL B 90 -15.49 6.79 -13.31
CA VAL B 90 -16.88 6.47 -13.66
C VAL B 90 -17.55 7.62 -14.40
N VAL B 91 -16.97 8.82 -14.39
CA VAL B 91 -17.46 9.90 -15.22
C VAL B 91 -17.26 9.58 -16.70
N MET B 92 -16.01 9.29 -17.08
CA MET B 92 -15.76 8.96 -18.48
C MET B 92 -16.36 7.61 -18.82
N GLN B 93 -16.52 6.72 -17.84
CA GLN B 93 -17.15 5.43 -18.08
C GLN B 93 -18.66 5.56 -18.11
N ALA B 94 -19.21 6.70 -17.71
CA ALA B 94 -20.61 7.03 -17.95
C ALA B 94 -20.79 8.06 -19.04
N SER B 95 -19.70 8.48 -19.67
CA SER B 95 -19.80 9.22 -20.92
C SER B 95 -19.69 8.32 -22.15
N GLY B 96 -19.25 7.08 -21.97
CA GLY B 96 -19.14 6.12 -23.05
C GLY B 96 -17.72 5.72 -23.38
N PHE B 97 -16.73 6.27 -22.70
CA PHE B 97 -15.33 5.90 -22.91
C PHE B 97 -15.12 4.51 -22.33
N THR B 98 -14.77 3.54 -23.18
CA THR B 98 -14.91 2.14 -22.83
C THR B 98 -13.79 1.70 -21.88
N ARG B 99 -13.96 0.54 -21.24
CA ARG B 99 -12.88 0.02 -20.42
C ARG B 99 -11.70 -0.42 -21.28
N MET B 100 -11.96 -0.83 -22.52
CA MET B 100 -10.85 -1.13 -23.41
C MET B 100 -10.21 0.15 -23.93
N GLN B 101 -11.00 1.23 -24.06
CA GLN B 101 -10.43 2.56 -24.27
C GLN B 101 -9.49 2.94 -23.12
N VAL B 102 -9.86 2.61 -21.89
CA VAL B 102 -9.01 2.93 -20.74
C VAL B 102 -7.75 2.07 -20.73
N ALA B 103 -7.90 0.78 -21.07
CA ALA B 103 -6.74 -0.11 -21.12
C ALA B 103 -5.76 0.31 -22.20
N LEU B 104 -6.26 0.68 -23.38
CA LEU B 104 -5.42 1.22 -24.43
C LEU B 104 -4.82 2.55 -24.02
N SER B 105 -5.53 3.33 -23.20
CA SER B 105 -5.00 4.62 -22.77
C SER B 105 -3.87 4.46 -21.78
N VAL B 106 -3.91 3.42 -20.95
CA VAL B 106 -2.79 3.17 -20.04
C VAL B 106 -1.62 2.55 -20.80
N MET B 107 -1.92 1.64 -21.71
CA MET B 107 -0.81 0.96 -22.37
C MET B 107 -0.27 1.73 -23.55
N LYS B 108 -0.92 2.82 -23.95
CA LYS B 108 -0.35 3.69 -24.96
C LYS B 108 0.84 4.46 -24.40
N THR B 109 0.89 4.64 -23.08
CA THR B 109 2.04 5.23 -22.42
C THR B 109 2.80 4.23 -21.57
N ALA B 110 2.36 2.97 -21.53
CA ALA B 110 3.24 1.93 -21.00
C ALA B 110 4.45 1.72 -21.89
N ILE B 111 4.34 2.06 -23.18
CA ILE B 111 5.43 1.82 -24.13
C ILE B 111 6.71 2.59 -23.78
N PRO B 112 6.67 3.84 -23.29
CA PRO B 112 7.91 4.40 -22.74
C PRO B 112 8.43 3.70 -21.50
N LEU B 113 7.61 2.94 -20.77
CA LEU B 113 8.17 2.28 -19.58
C LEU B 113 8.97 1.04 -19.95
N VAL B 114 8.42 0.18 -20.82
CA VAL B 114 9.19 -0.93 -21.37
C VAL B 114 10.40 -0.42 -22.14
N LEU B 115 10.24 0.66 -22.92
CA LEU B 115 11.36 1.26 -23.64
C LEU B 115 12.43 1.77 -22.68
N LEU B 116 11.99 2.36 -21.56
CA LEU B 116 12.89 2.93 -20.58
C LEU B 116 13.70 1.86 -19.88
N THR B 117 13.03 0.81 -19.37
CA THR B 117 13.78 -0.19 -18.63
C THR B 117 14.59 -1.08 -19.56
N MET B 118 14.12 -1.31 -20.79
CA MET B 118 14.90 -2.07 -21.76
C MET B 118 16.12 -1.29 -22.20
N ALA B 119 16.04 0.04 -22.21
CA ALA B 119 17.21 0.84 -22.50
C ALA B 119 18.20 0.80 -21.34
N ILE B 120 17.72 1.03 -20.12
CA ILE B 120 18.65 1.22 -19.01
C ILE B 120 19.30 -0.09 -18.62
N GLY B 121 18.53 -1.20 -18.59
CA GLY B 121 19.05 -2.50 -18.20
C GLY B 121 20.09 -3.10 -19.12
N GLU B 122 20.40 -2.48 -20.25
CA GLU B 122 21.55 -2.90 -21.05
C GLU B 122 22.43 -1.74 -21.48
N TRP B 123 22.12 -0.49 -21.12
CA TRP B 123 23.04 0.60 -21.40
C TRP B 123 23.65 1.23 -20.16
N VAL B 124 22.89 1.43 -19.09
CA VAL B 124 23.35 2.21 -17.94
C VAL B 124 23.51 1.32 -16.71
N ALA B 125 22.52 0.50 -16.42
CA ALA B 125 22.59 -0.36 -15.23
C ALA B 125 23.69 -1.42 -15.23
N PRO B 126 23.99 -2.18 -16.34
CA PRO B 126 25.11 -3.13 -16.25
C PRO B 126 26.44 -2.46 -16.02
N GLN B 127 26.76 -1.41 -16.79
CA GLN B 127 27.98 -0.65 -16.53
C GLN B 127 27.90 0.10 -15.22
N GLY B 128 26.70 0.41 -14.74
CA GLY B 128 26.51 1.05 -13.45
C GLY B 128 26.96 0.17 -12.31
N GLU B 129 26.48 -1.07 -12.26
CA GLU B 129 26.91 -1.94 -11.19
C GLU B 129 28.34 -2.44 -11.41
N GLN B 130 28.82 -2.48 -12.67
CA GLN B 130 30.24 -2.71 -12.92
C GLN B 130 31.09 -1.63 -12.28
N MET B 131 30.78 -0.36 -12.53
CA MET B 131 31.54 0.73 -11.94
C MET B 131 31.31 0.83 -10.44
N ALA B 132 30.17 0.35 -9.95
CA ALA B 132 29.90 0.33 -8.52
C ALA B 132 30.82 -0.65 -7.80
N ARG B 133 30.90 -1.89 -8.29
CA ARG B 133 31.81 -2.84 -7.68
C ARG B 133 33.26 -2.47 -7.97
N ASN B 134 33.50 -1.76 -9.07
CA ASN B 134 34.85 -1.35 -9.44
C ASN B 134 35.36 -0.24 -8.55
N TYR B 135 34.47 0.62 -8.05
CA TYR B 135 34.89 1.71 -7.19
C TYR B 135 35.05 1.27 -5.74
N ARG B 136 34.64 0.05 -5.41
CA ARG B 136 34.80 -0.51 -4.07
C ARG B 136 36.11 -1.26 -3.92
N ALA B 137 37.14 -0.85 -4.66
CA ALA B 137 38.45 -1.48 -4.57
C ALA B 137 39.32 -0.94 -3.44
N GLN B 138 38.84 0.06 -2.70
CA GLN B 138 39.62 0.52 -1.55
C GLN B 138 39.46 -0.45 -0.39
N ALA B 139 38.25 -0.59 0.12
CA ALA B 139 37.95 -1.65 1.07
C ALA B 139 38.03 -2.99 0.34
N MET B 140 38.93 -3.86 0.79
CA MET B 140 39.29 -5.04 0.03
C MET B 140 38.23 -6.13 0.20
N TYR B 141 38.56 -7.34 -0.28
CA TYR B 141 37.76 -8.58 -0.34
C TYR B 141 36.66 -8.50 -1.40
N GLY B 142 36.48 -7.34 -2.04
CA GLY B 142 35.40 -7.18 -3.00
C GLY B 142 35.73 -7.79 -4.35
N GLY B 143 34.82 -8.62 -4.86
CA GLY B 143 34.97 -9.22 -6.17
C GLY B 143 34.30 -8.38 -7.23
N SER B 144 35.06 -7.99 -8.24
CA SER B 144 34.61 -7.02 -9.25
C SER B 144 35.30 -7.36 -10.57
N LEU B 145 35.33 -6.38 -11.48
CA LEU B 145 36.29 -6.42 -12.58
C LEU B 145 37.71 -6.54 -12.04
N LEU B 146 38.02 -5.82 -10.96
CA LEU B 146 39.13 -6.18 -10.10
C LEU B 146 38.73 -7.39 -9.28
N SER B 147 39.27 -8.55 -9.63
CA SER B 147 39.20 -9.69 -8.74
C SER B 147 40.33 -9.59 -7.72
N THR B 148 40.39 -10.55 -6.82
CA THR B 148 41.43 -10.57 -5.79
C THR B 148 42.30 -11.81 -5.96
N GLN B 149 43.18 -12.05 -4.99
CA GLN B 149 44.08 -13.19 -5.06
C GLN B 149 43.29 -14.47 -4.83
N GLN B 150 42.73 -15.01 -5.90
CA GLN B 150 41.88 -16.20 -5.84
C GLN B 150 42.22 -17.10 -7.02
N GLY B 151 42.13 -18.41 -6.78
CA GLY B 151 42.34 -19.36 -7.85
C GLY B 151 41.05 -19.64 -8.59
N LEU B 152 40.84 -18.93 -9.71
CA LEU B 152 39.60 -19.05 -10.47
C LEU B 152 39.70 -20.31 -11.33
N TRP B 153 38.93 -21.33 -10.96
CA TRP B 153 38.94 -22.61 -11.67
C TRP B 153 38.21 -22.45 -12.98
N ALA B 154 38.97 -22.27 -14.06
CA ALA B 154 38.38 -22.11 -15.39
C ALA B 154 37.93 -23.46 -15.94
N LYS B 155 37.14 -23.39 -17.01
CA LYS B 155 36.65 -24.60 -17.67
C LYS B 155 36.45 -24.24 -19.15
N ASP B 156 37.49 -24.45 -19.95
CA ASP B 156 37.40 -24.21 -21.38
C ASP B 156 37.30 -25.54 -22.13
N GLY B 157 36.13 -26.17 -22.00
CA GLY B 157 35.86 -27.42 -22.71
C GLY B 157 36.76 -28.55 -22.25
N ASN B 158 37.53 -29.10 -23.19
CA ASN B 158 38.55 -30.09 -22.84
C ASN B 158 39.73 -29.48 -22.11
N ASN B 159 39.94 -28.18 -22.24
CA ASN B 159 41.04 -27.47 -21.59
C ASN B 159 40.57 -26.93 -20.24
N PHE B 160 41.52 -26.86 -19.30
CA PHE B 160 41.26 -26.35 -17.96
C PHE B 160 42.48 -25.56 -17.51
N VAL B 161 42.25 -24.45 -16.80
CA VAL B 161 43.33 -23.59 -16.34
C VAL B 161 43.09 -23.22 -14.88
N TYR B 162 44.03 -23.55 -14.01
CA TYR B 162 44.11 -22.99 -12.67
C TYR B 162 44.86 -21.67 -12.70
N ILE B 163 44.39 -20.71 -11.92
CA ILE B 163 45.00 -19.40 -11.79
C ILE B 163 45.72 -19.32 -10.46
N GLU B 164 46.93 -18.77 -10.46
CA GLU B 164 47.64 -18.53 -9.20
C GLU B 164 47.34 -17.16 -8.62
N ARG B 165 47.64 -16.08 -9.35
CA ARG B 165 47.52 -14.74 -8.83
C ARG B 165 46.92 -13.81 -9.87
N VAL B 166 46.08 -12.88 -9.40
CA VAL B 166 45.36 -11.91 -10.24
C VAL B 166 45.66 -10.52 -9.72
N LYS B 167 46.05 -9.61 -10.61
CA LYS B 167 46.28 -8.22 -10.24
C LYS B 167 45.20 -7.32 -10.83
N GLY B 168 45.37 -6.02 -10.64
CA GLY B 168 44.37 -5.04 -11.05
C GLY B 168 44.68 -4.36 -12.36
N ASP B 169 45.91 -4.51 -12.85
CA ASP B 169 46.33 -3.97 -14.15
C ASP B 169 46.04 -4.92 -15.30
N GLU B 170 45.14 -5.88 -15.10
CA GLU B 170 44.80 -6.94 -16.05
C GLU B 170 46.03 -7.75 -16.45
N GLU B 171 46.84 -8.11 -15.46
CA GLU B 171 48.02 -8.94 -15.64
C GLU B 171 47.94 -10.15 -14.73
N LEU B 172 48.65 -11.22 -15.12
CA LEU B 172 48.55 -12.50 -14.43
C LEU B 172 49.92 -13.16 -14.39
N GLY B 173 50.49 -13.29 -13.19
CA GLY B 173 51.37 -14.43 -12.99
C GLY B 173 50.40 -15.59 -12.96
N GLY B 174 50.32 -16.32 -14.07
CA GLY B 174 49.04 -16.89 -14.41
C GLY B 174 48.99 -18.28 -15.00
N ILE B 175 48.42 -18.33 -16.20
CA ILE B 175 47.77 -19.46 -16.86
C ILE B 175 48.53 -20.77 -16.76
N SER B 176 47.88 -21.78 -16.19
CA SER B 176 48.42 -23.13 -16.04
C SER B 176 47.52 -24.04 -16.85
N ILE B 177 47.85 -24.21 -18.13
CA ILE B 177 47.02 -24.99 -19.04
C ILE B 177 47.09 -26.47 -18.67
N TYR B 178 45.94 -27.04 -18.35
CA TYR B 178 45.80 -28.49 -18.32
C TYR B 178 45.43 -28.90 -19.74
N ALA B 179 46.44 -29.06 -20.59
CA ALA B 179 46.20 -29.38 -22.00
C ALA B 179 45.76 -30.83 -22.14
N PHE B 180 44.46 -31.07 -22.04
CA PHE B 180 43.89 -32.41 -21.98
C PHE B 180 43.03 -32.64 -23.23
N ASN B 181 43.36 -33.69 -23.98
CA ASN B 181 42.57 -34.08 -25.13
C ASN B 181 41.54 -35.13 -24.72
N GLU B 182 40.92 -35.78 -25.70
CA GLU B 182 39.96 -36.83 -25.40
C GLU B 182 40.64 -38.13 -24.98
N ASN B 183 41.95 -38.25 -25.21
CA ASN B 183 42.73 -39.33 -24.63
C ASN B 183 43.25 -38.98 -23.24
N ARG B 184 43.00 -37.74 -22.79
CA ARG B 184 43.52 -37.18 -21.53
C ARG B 184 45.03 -37.26 -21.47
N ARG B 185 45.67 -36.87 -22.56
CA ARG B 185 47.12 -36.79 -22.68
C ARG B 185 47.55 -35.37 -22.42
N LEU B 186 48.38 -35.17 -21.39
CA LEU B 186 48.85 -33.83 -21.03
C LEU B 186 49.90 -33.37 -22.03
N GLN B 187 49.74 -32.13 -22.52
CA GLN B 187 50.70 -31.54 -23.43
C GLN B 187 51.46 -30.36 -22.85
N SER B 188 50.91 -29.67 -21.87
CA SER B 188 51.56 -28.51 -21.29
C SER B 188 51.37 -28.49 -19.78
N VAL B 189 52.42 -28.04 -19.08
CA VAL B 189 52.44 -27.92 -17.62
C VAL B 189 52.90 -26.49 -17.31
N ARG B 190 52.50 -25.56 -18.19
CA ARG B 190 53.01 -24.19 -18.22
C ARG B 190 52.70 -23.39 -16.95
N TYR B 191 53.41 -22.27 -16.83
CA TYR B 191 53.15 -21.25 -15.81
C TYR B 191 53.36 -19.90 -16.48
N ALA B 192 52.27 -19.29 -16.95
CA ALA B 192 52.34 -18.04 -17.71
C ALA B 192 52.55 -16.89 -16.74
N ALA B 193 53.82 -16.63 -16.42
CA ALA B 193 54.16 -15.62 -15.44
C ALA B 193 53.88 -14.20 -15.94
N THR B 194 53.95 -13.97 -17.24
CA THR B 194 53.74 -12.63 -17.80
C THR B 194 52.56 -12.67 -18.77
N ALA B 195 51.34 -12.63 -18.21
CA ALA B 195 50.12 -12.57 -19.02
C ALA B 195 49.56 -11.14 -19.00
N LYS B 196 50.21 -10.27 -19.77
CA LYS B 196 49.79 -8.87 -19.85
C LYS B 196 48.65 -8.72 -20.86
N PHE B 197 47.67 -7.87 -20.51
CA PHE B 197 46.58 -7.55 -21.43
C PHE B 197 47.08 -6.86 -22.68
N ASP B 198 46.51 -7.28 -23.82
CA ASP B 198 46.86 -6.90 -25.17
C ASP B 198 45.55 -6.95 -25.97
N PRO B 199 45.47 -6.46 -27.24
CA PRO B 199 44.19 -6.52 -27.95
C PRO B 199 43.69 -7.90 -28.34
N GLU B 200 42.60 -7.91 -29.12
CA GLU B 200 41.78 -9.10 -29.40
C GLU B 200 42.57 -10.20 -30.12
N HIS B 201 43.69 -9.87 -30.76
CA HIS B 201 44.62 -10.88 -31.28
C HIS B 201 45.22 -11.75 -30.17
N LYS B 202 45.19 -11.27 -28.92
CA LYS B 202 45.82 -11.94 -27.80
C LYS B 202 44.80 -12.28 -26.71
N VAL B 203 43.70 -12.92 -27.09
CA VAL B 203 42.72 -13.39 -26.11
C VAL B 203 43.31 -14.47 -25.19
N TRP B 204 44.26 -15.26 -25.70
CA TRP B 204 45.23 -15.94 -24.85
C TRP B 204 46.60 -15.57 -25.39
N ARG B 205 47.43 -14.97 -24.54
CA ARG B 205 48.75 -14.53 -24.96
C ARG B 205 49.77 -15.58 -24.54
N LEU B 206 50.63 -15.96 -25.48
CA LEU B 206 51.53 -17.10 -25.31
C LEU B 206 52.68 -16.67 -24.40
N SER B 207 52.61 -17.04 -23.12
CA SER B 207 53.54 -16.56 -22.11
C SER B 207 54.29 -17.71 -21.45
N GLN B 208 55.60 -17.55 -21.32
CA GLN B 208 56.45 -18.18 -20.29
C GLN B 208 56.38 -19.71 -20.35
N VAL B 209 56.91 -20.24 -21.46
CA VAL B 209 56.79 -21.66 -21.79
C VAL B 209 57.50 -22.50 -20.75
N ASP B 210 56.72 -23.27 -19.98
CA ASP B 210 57.19 -24.18 -18.95
C ASP B 210 56.46 -25.51 -19.06
N GLU B 211 56.39 -26.05 -20.27
CA GLU B 211 55.50 -27.14 -20.62
C GLU B 211 56.23 -28.48 -20.73
N SER B 212 55.43 -29.54 -20.87
CA SER B 212 55.93 -30.88 -21.15
C SER B 212 54.83 -31.68 -21.85
N ASP B 213 55.14 -32.17 -23.04
CA ASP B 213 54.21 -32.99 -23.80
C ASP B 213 54.42 -34.47 -23.44
N LEU B 214 53.39 -35.28 -23.71
CA LEU B 214 53.44 -36.69 -23.37
C LEU B 214 53.34 -37.50 -24.66
N THR B 215 54.19 -37.16 -25.64
CA THR B 215 54.28 -37.94 -26.86
C THR B 215 54.82 -39.36 -26.62
N ASN B 216 55.55 -39.58 -25.53
CA ASN B 216 55.99 -40.89 -25.09
C ASN B 216 55.94 -40.92 -23.57
N PRO B 217 55.74 -42.11 -22.98
CA PRO B 217 55.90 -42.23 -21.51
C PRO B 217 57.33 -42.01 -21.03
N LYS B 218 58.32 -42.20 -21.90
CA LYS B 218 59.72 -41.97 -21.57
C LYS B 218 60.26 -40.68 -22.19
N GLN B 219 60.09 -40.52 -23.50
CA GLN B 219 60.60 -39.33 -24.20
C GLN B 219 59.61 -38.18 -24.04
N ILE B 220 60.09 -37.08 -23.46
CA ILE B 220 59.26 -35.92 -23.14
C ILE B 220 59.90 -34.69 -23.79
N THR B 221 59.13 -34.03 -24.66
CA THR B 221 59.61 -32.83 -25.33
C THR B 221 59.19 -31.62 -24.49
N GLY B 222 60.06 -31.25 -23.55
CA GLY B 222 59.78 -30.15 -22.64
C GLY B 222 60.53 -28.90 -23.03
N SER B 223 60.08 -27.76 -22.53
CA SER B 223 60.67 -26.48 -22.92
C SER B 223 60.49 -25.50 -21.78
N GLN B 224 61.60 -25.07 -21.18
CA GLN B 224 61.64 -24.00 -20.19
C GLN B 224 62.32 -22.81 -20.86
N THR B 225 61.52 -21.94 -21.46
CA THR B 225 62.05 -20.73 -22.09
C THR B 225 61.43 -19.50 -21.46
N VAL B 226 62.23 -18.43 -21.44
CA VAL B 226 61.85 -17.08 -20.97
C VAL B 226 61.37 -17.09 -19.53
N ASN B 233 41.54 -20.59 -21.76
CA ASN B 233 42.01 -20.56 -23.14
C ASN B 233 41.23 -19.49 -23.90
N LEU B 234 39.98 -19.80 -24.22
CA LEU B 234 39.09 -18.86 -24.91
C LEU B 234 38.26 -18.02 -23.94
N THR B 235 38.79 -17.76 -22.75
CA THR B 235 38.14 -16.89 -21.77
C THR B 235 38.95 -15.61 -21.64
N PRO B 236 38.60 -14.53 -22.35
CA PRO B 236 39.32 -13.26 -22.19
C PRO B 236 38.98 -12.56 -20.88
N ASP B 237 39.58 -11.39 -20.65
CA ASP B 237 39.33 -10.68 -19.39
C ASP B 237 37.91 -10.15 -19.30
N LYS B 238 37.29 -9.80 -20.43
CA LYS B 238 35.88 -9.42 -20.40
C LYS B 238 34.96 -10.63 -20.34
N LEU B 239 35.50 -11.84 -20.40
CA LEU B 239 34.77 -13.02 -20.01
C LEU B 239 35.38 -13.72 -18.79
N GLY B 240 36.52 -13.23 -18.30
CA GLY B 240 37.13 -13.79 -17.11
C GLY B 240 36.59 -13.23 -15.81
N VAL B 241 35.69 -12.26 -15.88
CA VAL B 241 35.04 -11.71 -14.70
C VAL B 241 33.69 -12.42 -14.59
N VAL B 242 33.62 -13.42 -13.72
CA VAL B 242 32.47 -14.32 -13.64
C VAL B 242 31.81 -14.31 -12.28
N ALA B 243 32.38 -13.60 -11.29
CA ALA B 243 31.79 -13.59 -9.96
C ALA B 243 30.55 -12.71 -9.86
N LEU B 244 30.27 -11.89 -10.88
CA LEU B 244 29.09 -11.03 -10.90
C LEU B 244 27.89 -11.85 -11.37
N ASP B 245 27.33 -12.61 -10.43
CA ASP B 245 26.22 -13.52 -10.68
C ASP B 245 24.89 -12.78 -10.87
N PRO B 246 24.62 -11.62 -10.19
CA PRO B 246 23.57 -10.72 -10.72
C PRO B 246 23.92 -10.08 -12.04
N ASP B 247 23.03 -9.21 -12.52
CA ASP B 247 22.94 -8.83 -13.93
C ASP B 247 24.21 -8.16 -14.40
N ALA B 248 24.94 -8.86 -15.26
CA ALA B 248 26.25 -8.44 -15.69
C ALA B 248 26.27 -7.65 -16.98
N LEU B 249 25.72 -8.19 -18.06
CA LEU B 249 25.96 -7.65 -19.41
C LEU B 249 24.92 -8.15 -20.39
N SER B 250 25.21 -8.02 -21.68
CA SER B 250 24.30 -8.27 -22.79
C SER B 250 24.25 -9.75 -23.17
N ILE B 251 23.31 -10.07 -24.06
CA ILE B 251 22.95 -11.47 -24.35
C ILE B 251 24.08 -12.20 -25.09
N SER B 252 24.86 -11.50 -25.92
CA SER B 252 25.91 -12.16 -26.67
C SER B 252 27.06 -12.58 -25.76
N GLY B 253 27.40 -11.74 -24.79
CA GLY B 253 28.38 -12.15 -23.80
C GLY B 253 27.84 -13.15 -22.80
N LEU B 254 26.54 -13.06 -22.47
CA LEU B 254 25.91 -14.05 -21.63
C LEU B 254 25.79 -15.41 -22.32
N HIS B 255 25.83 -15.42 -23.64
CA HIS B 255 25.97 -16.63 -24.44
C HIS B 255 27.45 -17.03 -24.45
N ASN B 256 27.89 -17.55 -23.31
CA ASN B 256 29.29 -17.86 -23.06
C ASN B 256 29.56 -19.32 -22.71
N TYR B 257 28.72 -19.92 -21.88
CA TYR B 257 28.93 -21.27 -21.39
C TYR B 257 28.24 -22.28 -22.30
N VAL B 258 28.48 -22.15 -23.59
CA VAL B 258 27.55 -22.65 -24.58
C VAL B 258 28.03 -23.95 -25.22
N LYS B 259 29.30 -24.08 -25.54
CA LYS B 259 29.81 -25.34 -26.06
C LYS B 259 30.42 -26.19 -24.95
N TYR B 260 29.68 -26.35 -23.86
CA TYR B 260 30.20 -27.06 -22.69
C TYR B 260 29.33 -28.26 -22.35
N ALA B 268 25.75 -25.13 -16.04
CA ALA B 268 25.34 -23.74 -16.10
C ALA B 268 23.88 -23.61 -16.46
N GLY B 269 23.02 -23.35 -15.47
CA GLY B 269 21.63 -23.11 -15.74
C GLY B 269 21.20 -21.72 -15.32
N ARG B 270 21.82 -21.22 -14.25
CA ARG B 270 21.43 -19.93 -13.70
C ARG B 270 21.85 -18.78 -14.60
N TYR B 271 22.88 -18.96 -15.43
CA TYR B 271 23.28 -17.86 -16.31
C TYR B 271 22.30 -17.65 -17.46
N GLN B 272 21.75 -18.74 -18.03
CA GLN B 272 20.69 -18.48 -18.99
C GLN B 272 19.38 -18.17 -18.30
N LEU B 273 19.20 -18.58 -17.03
CA LEU B 273 18.06 -18.10 -16.26
C LEU B 273 18.09 -16.58 -16.11
N ASN B 274 19.27 -16.03 -15.84
CA ASN B 274 19.37 -14.58 -15.79
C ASN B 274 19.30 -13.96 -17.18
N MET B 275 19.67 -14.71 -18.22
CA MET B 275 19.47 -14.22 -19.58
C MET B 275 17.99 -14.05 -19.90
N TRP B 276 17.15 -14.96 -19.40
CA TRP B 276 15.71 -14.76 -19.60
C TRP B 276 15.14 -13.73 -18.66
N SER B 277 15.66 -13.63 -17.44
CA SER B 277 15.18 -12.63 -16.49
C SER B 277 15.59 -11.22 -16.88
N LYS B 278 16.63 -11.06 -17.69
CA LYS B 278 16.95 -9.75 -18.22
C LYS B 278 15.89 -9.29 -19.21
N ILE B 279 15.39 -10.20 -20.04
CA ILE B 279 14.56 -9.83 -21.18
C ILE B 279 13.08 -10.08 -20.91
N PHE B 280 12.72 -10.50 -19.70
CA PHE B 280 11.31 -10.59 -19.35
C PHE B 280 10.82 -9.47 -18.44
N GLN B 281 11.70 -8.59 -17.97
CA GLN B 281 11.27 -7.41 -17.22
C GLN B 281 10.35 -6.45 -18.01
N PRO B 282 10.52 -6.22 -19.32
CA PRO B 282 9.45 -5.51 -20.03
C PRO B 282 8.10 -6.17 -19.99
N LEU B 283 8.08 -7.50 -20.14
CA LEU B 283 6.84 -8.24 -19.99
C LEU B 283 6.32 -8.12 -18.57
N SER B 284 7.22 -8.05 -17.59
CA SER B 284 6.82 -7.86 -16.20
C SER B 284 6.11 -6.54 -15.99
N VAL B 285 6.65 -5.46 -16.58
CA VAL B 285 6.01 -4.14 -16.40
C VAL B 285 4.66 -4.10 -17.12
N ALA B 286 4.59 -4.68 -18.32
CA ALA B 286 3.35 -4.60 -19.10
C ALA B 286 2.25 -5.44 -18.45
N VAL B 287 2.58 -6.68 -18.07
CA VAL B 287 1.66 -7.53 -17.33
C VAL B 287 1.31 -6.91 -15.98
N MET B 288 2.23 -6.12 -15.43
CA MET B 288 1.98 -5.49 -14.14
C MET B 288 0.94 -4.39 -14.26
N MET B 289 1.03 -3.56 -15.29
CA MET B 289 -0.02 -2.57 -15.53
C MET B 289 -1.34 -3.22 -15.88
N LEU B 290 -1.29 -4.34 -16.60
CA LEU B 290 -2.52 -5.06 -16.92
C LEU B 290 -3.16 -5.64 -15.67
N MET B 291 -2.32 -6.01 -14.71
CA MET B 291 -2.83 -6.55 -13.45
C MET B 291 -3.41 -5.43 -12.60
N ALA B 292 -2.82 -4.24 -12.68
CA ALA B 292 -3.37 -3.09 -11.99
C ALA B 292 -4.73 -2.68 -12.57
N LEU B 293 -4.88 -2.75 -13.89
CA LEU B 293 -6.17 -2.40 -14.46
C LEU B 293 -7.22 -3.49 -14.22
N SER B 294 -6.81 -4.74 -14.14
CA SER B 294 -7.77 -5.76 -13.74
C SER B 294 -8.17 -5.60 -12.29
N PHE B 295 -7.28 -5.07 -11.45
CA PHE B 295 -7.68 -4.70 -10.10
C PHE B 295 -8.71 -3.58 -10.11
N ILE B 296 -8.40 -2.45 -10.74
CA ILE B 296 -9.26 -1.29 -10.74
C ILE B 296 -10.58 -1.53 -11.47
N PHE B 297 -10.68 -2.59 -12.26
CA PHE B 297 -11.94 -3.04 -12.82
C PHE B 297 -12.40 -4.35 -12.20
N GLY B 298 -11.91 -4.69 -11.01
CA GLY B 298 -12.18 -5.98 -10.41
C GLY B 298 -12.77 -5.91 -9.03
N PRO B 299 -12.09 -6.49 -8.04
CA PRO B 299 -12.58 -6.45 -6.65
C PRO B 299 -12.44 -5.09 -6.02
N LEU B 300 -11.69 -4.19 -6.64
CA LEU B 300 -11.52 -2.82 -6.24
C LEU B 300 -12.70 -2.02 -6.78
N ARG B 301 -12.53 -0.69 -6.88
CA ARG B 301 -13.46 0.35 -7.34
C ARG B 301 -14.51 0.65 -6.25
N SER B 302 -14.59 -0.14 -5.19
CA SER B 302 -15.51 0.10 -4.11
C SER B 302 -14.83 0.26 -2.77
N VAL B 303 -13.64 -0.28 -2.59
CA VAL B 303 -12.95 -0.23 -1.31
C VAL B 303 -11.91 0.89 -1.35
N PRO B 304 -11.59 1.54 -0.21
CA PRO B 304 -10.89 2.82 -0.28
C PRO B 304 -9.39 2.71 -0.45
N MET B 305 -8.74 3.88 -0.38
CA MET B 305 -7.36 4.03 -0.83
C MET B 305 -6.38 3.29 0.06
N GLY B 306 -6.74 3.10 1.34
CA GLY B 306 -5.95 2.23 2.20
C GLY B 306 -5.92 0.81 1.69
N VAL B 307 -7.07 0.30 1.25
CA VAL B 307 -7.12 -1.06 0.74
C VAL B 307 -6.45 -1.13 -0.62
N ARG B 308 -6.52 -0.05 -1.40
CA ARG B 308 -5.78 0.06 -2.66
C ARG B 308 -4.28 -0.12 -2.45
N VAL B 309 -3.70 0.66 -1.54
CA VAL B 309 -2.26 0.59 -1.35
C VAL B 309 -1.83 -0.66 -0.58
N VAL B 310 -2.69 -1.23 0.28
CA VAL B 310 -2.36 -2.49 0.93
C VAL B 310 -2.33 -3.63 -0.07
N THR B 311 -3.35 -3.72 -0.94
CA THR B 311 -3.37 -4.70 -2.01
C THR B 311 -2.20 -4.51 -2.97
N GLY B 312 -1.82 -3.26 -3.20
CA GLY B 312 -0.66 -2.92 -4.00
C GLY B 312 0.64 -3.48 -3.47
N ILE B 313 0.98 -3.16 -2.23
CA ILE B 313 2.23 -3.67 -1.67
C ILE B 313 2.16 -5.16 -1.43
N SER B 314 0.95 -5.70 -1.20
CA SER B 314 0.80 -7.13 -1.00
C SER B 314 1.11 -7.91 -2.27
N PHE B 315 0.48 -7.55 -3.38
CA PHE B 315 0.76 -8.25 -4.63
C PHE B 315 2.13 -7.89 -5.19
N GLY B 316 2.68 -6.74 -4.85
CA GLY B 316 4.07 -6.48 -5.20
C GLY B 316 5.04 -7.39 -4.45
N PHE B 317 4.81 -7.59 -3.16
CA PHE B 317 5.66 -8.51 -2.41
C PHE B 317 5.42 -9.96 -2.81
N VAL B 318 4.20 -10.30 -3.20
CA VAL B 318 3.93 -11.62 -3.76
C VAL B 318 4.72 -11.82 -5.04
N PHE B 319 4.77 -10.78 -5.89
CA PHE B 319 5.59 -10.85 -7.09
C PHE B 319 7.07 -11.00 -6.74
N TYR B 320 7.52 -10.30 -5.69
CA TYR B 320 8.93 -10.41 -5.31
C TYR B 320 9.28 -11.79 -4.80
N VAL B 321 8.41 -12.39 -3.99
CA VAL B 321 8.74 -13.68 -3.42
C VAL B 321 8.60 -14.77 -4.48
N LEU B 322 7.64 -14.66 -5.39
CA LEU B 322 7.53 -15.66 -6.45
C LEU B 322 8.68 -15.53 -7.43
N ASP B 323 9.12 -14.30 -7.70
CA ASP B 323 10.27 -14.07 -8.55
C ASP B 323 11.54 -14.66 -7.94
N GLN B 324 11.88 -14.21 -6.74
CA GLN B 324 13.13 -14.59 -6.12
C GLN B 324 13.09 -15.95 -5.43
N ILE B 325 11.98 -16.68 -5.49
CA ILE B 325 12.06 -18.11 -5.20
C ILE B 325 12.10 -18.86 -6.51
N PHE B 326 11.07 -18.70 -7.35
CA PHE B 326 10.89 -19.55 -8.51
C PHE B 326 11.91 -19.30 -9.61
N GLY B 327 12.75 -18.27 -9.49
CA GLY B 327 13.99 -18.24 -10.23
C GLY B 327 14.97 -19.25 -9.67
N PRO B 328 15.47 -19.01 -8.45
CA PRO B 328 16.36 -19.98 -7.81
C PRO B 328 15.72 -21.32 -7.43
N LEU B 329 14.41 -21.51 -7.59
CA LEU B 329 13.82 -22.81 -7.32
C LEU B 329 14.15 -23.84 -8.40
N THR B 330 14.72 -23.42 -9.52
CA THR B 330 15.04 -24.31 -10.62
C THR B 330 16.19 -25.25 -10.28
N LEU B 331 15.93 -26.19 -9.38
CA LEU B 331 16.90 -27.19 -8.94
C LEU B 331 16.34 -28.61 -8.95
N VAL B 332 15.06 -28.79 -8.64
CA VAL B 332 14.53 -30.12 -8.36
C VAL B 332 14.42 -30.93 -9.65
N TYR B 333 13.57 -30.49 -10.57
CA TYR B 333 13.60 -31.08 -11.90
C TYR B 333 14.67 -30.44 -12.76
N GLY B 334 15.11 -29.24 -12.41
CA GLY B 334 15.90 -28.44 -13.32
C GLY B 334 14.98 -28.02 -14.43
N ILE B 335 13.89 -27.33 -14.06
CA ILE B 335 12.79 -26.95 -14.94
C ILE B 335 13.37 -25.94 -15.94
N PRO B 336 12.87 -25.88 -17.18
CA PRO B 336 13.41 -24.94 -18.17
C PRO B 336 13.36 -23.50 -17.71
N PRO B 337 14.38 -22.71 -18.07
CA PRO B 337 14.46 -21.34 -17.55
C PRO B 337 13.42 -20.41 -18.12
N ILE B 338 12.88 -20.71 -19.30
CA ILE B 338 11.71 -19.97 -19.79
C ILE B 338 10.54 -20.15 -18.83
N ILE B 339 10.34 -21.38 -18.34
CA ILE B 339 9.31 -21.64 -17.33
C ILE B 339 9.64 -20.91 -16.04
N GLY B 340 10.88 -21.05 -15.57
CA GLY B 340 11.30 -20.47 -14.32
C GLY B 340 11.29 -18.95 -14.28
N ALA B 341 11.41 -18.31 -15.43
CA ALA B 341 11.38 -16.86 -15.51
C ALA B 341 10.00 -16.30 -15.84
N LEU B 342 9.22 -16.98 -16.68
CA LEU B 342 7.87 -16.55 -16.94
C LEU B 342 6.91 -16.88 -15.81
N LEU B 343 7.30 -17.75 -14.89
CA LEU B 343 6.38 -18.14 -13.81
C LEU B 343 5.93 -17.00 -12.89
N PRO B 344 6.73 -16.00 -12.55
CA PRO B 344 6.14 -14.81 -11.90
C PRO B 344 5.57 -13.78 -12.86
N SER B 345 5.51 -14.04 -14.16
CA SER B 345 4.93 -13.09 -15.11
C SER B 345 3.70 -13.64 -15.82
N ALA B 346 3.81 -14.82 -16.44
CA ALA B 346 2.66 -15.40 -17.12
C ALA B 346 1.61 -15.87 -16.13
N SER B 347 2.02 -16.42 -15.00
CA SER B 347 1.08 -16.82 -13.97
C SER B 347 0.67 -15.67 -13.05
N PHE B 348 0.94 -14.44 -13.47
CA PHE B 348 0.42 -13.23 -12.86
C PHE B 348 -0.50 -12.50 -13.84
N PHE B 349 -0.14 -12.59 -15.12
CA PHE B 349 -1.07 -12.37 -16.22
C PHE B 349 -2.32 -13.23 -16.08
N LEU B 350 -2.15 -14.48 -15.60
CA LEU B 350 -3.29 -15.38 -15.46
C LEU B 350 -4.24 -14.92 -14.37
N ILE B 351 -3.73 -14.54 -13.19
CA ILE B 351 -4.61 -14.09 -12.13
C ILE B 351 -5.25 -12.77 -12.51
N SER B 352 -4.54 -11.93 -13.27
CA SER B 352 -5.14 -10.72 -13.81
C SER B 352 -6.28 -11.03 -14.77
N LEU B 353 -6.09 -12.02 -15.63
CA LEU B 353 -7.08 -12.38 -16.63
C LEU B 353 -8.31 -13.01 -15.99
N TRP B 354 -8.11 -13.77 -14.92
CA TRP B 354 -9.24 -14.34 -14.19
C TRP B 354 -10.03 -13.26 -13.49
N LEU B 355 -9.35 -12.26 -12.90
CA LEU B 355 -10.10 -11.18 -12.28
C LEU B 355 -10.80 -10.31 -13.32
N LEU B 356 -10.30 -10.29 -14.55
CA LEU B 356 -11.05 -9.66 -15.64
C LEU B 356 -12.34 -10.42 -15.92
N MET B 357 -12.23 -11.69 -16.31
CA MET B 357 -13.41 -12.43 -16.78
C MET B 357 -14.13 -13.17 -15.65
N ARG B 358 -13.93 -12.76 -14.40
CA ARG B 358 -14.58 -13.45 -13.29
C ARG B 358 -16.08 -13.19 -13.26
N LYS B 359 -16.53 -11.95 -13.46
CA LYS B 359 -17.95 -11.66 -13.51
C LYS B 359 -18.29 -10.76 -14.68
N ALA C 12 -38.67 9.26 -27.56
CA ALA C 12 -37.67 8.59 -26.74
C ALA C 12 -38.25 8.23 -25.38
N THR C 13 -38.01 6.99 -24.94
CA THR C 13 -38.58 6.49 -23.69
C THR C 13 -37.66 5.46 -23.08
N LEU C 14 -37.25 5.69 -21.83
CA LEU C 14 -36.51 4.71 -21.04
C LEU C 14 -37.46 4.05 -20.05
N THR C 15 -37.38 2.73 -19.95
CA THR C 15 -38.32 1.96 -19.15
C THR C 15 -37.59 0.87 -18.40
N ALA C 16 -37.88 0.73 -17.12
CA ALA C 16 -37.43 -0.41 -16.33
C ALA C 16 -38.61 -1.32 -16.05
N LYS C 17 -38.33 -2.62 -15.91
CA LYS C 17 -39.37 -3.61 -15.66
C LYS C 17 -38.84 -4.64 -14.68
N ASN C 18 -39.50 -4.75 -13.52
CA ASN C 18 -39.32 -5.84 -12.54
C ASN C 18 -37.87 -5.93 -12.07
N LEU C 19 -37.39 -4.84 -11.48
CA LEU C 19 -35.99 -4.78 -11.05
C LEU C 19 -35.76 -5.63 -9.82
N ALA C 20 -34.59 -6.25 -9.75
CA ALA C 20 -34.30 -7.22 -8.70
C ALA C 20 -32.83 -7.14 -8.29
N LYS C 21 -32.60 -7.17 -6.97
CA LYS C 21 -31.26 -7.27 -6.42
C LYS C 21 -31.38 -7.92 -5.05
N ALA C 22 -30.44 -8.80 -4.73
CA ALA C 22 -30.41 -9.45 -3.43
C ALA C 22 -28.96 -9.65 -3.00
N TYR C 23 -28.79 -10.02 -1.74
CA TYR C 23 -27.47 -10.27 -1.15
C TYR C 23 -27.57 -11.44 -0.19
N LYS C 24 -26.86 -12.53 -0.52
CA LYS C 24 -26.94 -13.83 0.18
C LYS C 24 -28.39 -14.31 0.32
N GLY C 25 -29.18 -14.12 -0.74
CA GLY C 25 -30.57 -14.49 -0.73
C GLY C 25 -31.49 -13.50 -0.06
N ARG C 26 -30.98 -12.59 0.77
CA ARG C 26 -31.79 -11.55 1.36
C ARG C 26 -32.13 -10.53 0.28
N ARG C 27 -33.41 -10.43 -0.07
CA ARG C 27 -33.83 -9.48 -1.08
C ARG C 27 -33.71 -8.06 -0.56
N VAL C 28 -33.00 -7.22 -1.30
CA VAL C 28 -32.97 -5.79 -1.03
C VAL C 28 -33.76 -5.00 -2.07
N VAL C 29 -34.05 -5.59 -3.22
CA VAL C 29 -34.86 -4.98 -4.27
C VAL C 29 -35.88 -6.02 -4.74
N GLU C 30 -37.16 -5.67 -4.66
CA GLU C 30 -38.25 -6.58 -4.99
C GLU C 30 -39.24 -5.88 -5.92
N ASP C 31 -39.09 -6.14 -7.22
CA ASP C 31 -40.06 -5.79 -8.28
C ASP C 31 -40.29 -4.27 -8.36
N VAL C 32 -39.25 -3.56 -8.76
CA VAL C 32 -39.34 -2.17 -9.14
C VAL C 32 -39.52 -2.09 -10.65
N SER C 33 -40.48 -1.30 -11.12
CA SER C 33 -40.67 -1.09 -12.56
C SER C 33 -40.91 0.40 -12.79
N LEU C 34 -39.83 1.14 -13.04
CA LEU C 34 -39.92 2.58 -13.21
C LEU C 34 -39.85 2.95 -14.69
N THR C 35 -40.47 4.07 -15.03
CA THR C 35 -40.46 4.60 -16.38
C THR C 35 -40.02 6.05 -16.36
N VAL C 36 -39.49 6.52 -17.49
CA VAL C 36 -39.14 7.92 -17.66
C VAL C 36 -39.23 8.28 -19.15
N ASN C 37 -39.96 9.35 -19.46
CA ASN C 37 -40.10 9.85 -20.80
C ASN C 37 -39.22 11.08 -20.97
N SER C 38 -39.06 11.52 -22.22
CA SER C 38 -38.29 12.72 -22.49
C SER C 38 -39.14 13.95 -22.25
N GLY C 39 -38.64 14.88 -21.45
CA GLY C 39 -39.35 16.10 -21.15
C GLY C 39 -39.69 16.22 -19.69
N GLU C 40 -40.01 15.08 -19.06
CA GLU C 40 -40.43 15.04 -17.68
C GLU C 40 -39.25 14.80 -16.74
N ILE C 41 -39.47 15.09 -15.46
CA ILE C 41 -38.44 14.99 -14.44
C ILE C 41 -38.94 13.96 -13.42
N VAL C 42 -38.53 12.72 -13.59
CA VAL C 42 -38.99 11.67 -12.69
C VAL C 42 -38.13 11.68 -11.43
N GLY C 43 -38.76 11.79 -10.30
CA GLY C 43 -38.05 11.64 -9.04
C GLY C 43 -38.09 10.23 -8.54
N LEU C 44 -37.10 9.89 -7.72
CA LEU C 44 -37.02 8.56 -7.12
C LEU C 44 -36.58 8.73 -5.67
N LEU C 45 -37.53 8.66 -4.75
CA LEU C 45 -37.26 8.94 -3.36
C LEU C 45 -37.56 7.69 -2.54
N GLY C 46 -37.51 7.85 -1.21
CA GLY C 46 -37.76 6.77 -0.31
C GLY C 46 -37.00 6.93 0.99
N PRO C 47 -36.83 5.85 1.74
CA PRO C 47 -35.98 5.88 2.92
C PRO C 47 -34.53 5.73 2.49
N ASN C 48 -33.63 5.73 3.47
CA ASN C 48 -32.19 5.73 3.22
C ASN C 48 -31.68 4.31 3.25
N GLY C 49 -31.21 3.81 2.10
CA GLY C 49 -30.65 2.48 2.02
C GLY C 49 -31.67 1.38 1.90
N ALA C 50 -32.86 1.67 1.41
CA ALA C 50 -33.89 0.66 1.21
C ALA C 50 -34.56 0.84 -0.15
N GLY C 51 -33.73 1.00 -1.19
CA GLY C 51 -34.24 1.02 -2.54
C GLY C 51 -33.66 2.07 -3.46
N LYS C 52 -33.34 3.26 -2.93
CA LYS C 52 -32.96 4.38 -3.78
C LYS C 52 -31.61 4.14 -4.44
N THR C 53 -30.58 3.90 -3.62
CA THR C 53 -29.22 3.72 -4.09
C THR C 53 -29.11 2.54 -5.05
N THR C 54 -29.65 1.38 -4.64
CA THR C 54 -29.51 0.17 -5.44
C THR C 54 -30.34 0.23 -6.71
N THR C 55 -31.58 0.71 -6.62
CA THR C 55 -32.44 0.76 -7.79
C THR C 55 -31.95 1.77 -8.81
N PHE C 56 -31.58 2.96 -8.34
CA PHE C 56 -31.04 3.98 -9.23
C PHE C 56 -29.72 3.54 -9.84
N TYR C 57 -28.89 2.84 -9.07
CA TYR C 57 -27.61 2.43 -9.65
C TYR C 57 -27.76 1.24 -10.58
N MET C 58 -28.82 0.45 -10.46
CA MET C 58 -29.08 -0.55 -11.49
C MET C 58 -29.58 0.11 -12.76
N VAL C 59 -30.41 1.14 -12.63
CA VAL C 59 -30.88 1.83 -13.84
C VAL C 59 -29.74 2.60 -14.49
N VAL C 60 -28.80 3.11 -13.70
CA VAL C 60 -27.59 3.72 -14.25
C VAL C 60 -26.73 2.68 -14.93
N GLY C 61 -26.34 1.65 -14.19
CA GLY C 61 -25.49 0.62 -14.75
C GLY C 61 -24.16 0.54 -14.05
N ILE C 62 -24.06 1.18 -12.88
CA ILE C 62 -22.90 0.95 -12.02
C ILE C 62 -22.89 -0.48 -11.52
N VAL C 63 -24.06 -0.99 -11.15
CA VAL C 63 -24.18 -2.35 -10.64
C VAL C 63 -25.03 -3.16 -11.60
N PRO C 64 -24.79 -4.46 -11.76
CA PRO C 64 -25.60 -5.26 -12.68
C PRO C 64 -26.90 -5.73 -12.06
N ARG C 65 -27.79 -6.18 -12.92
CA ARG C 65 -29.09 -6.67 -12.47
C ARG C 65 -29.00 -8.13 -12.06
N ASP C 66 -30.10 -8.61 -11.51
CA ASP C 66 -30.29 -10.03 -11.25
C ASP C 66 -31.49 -10.60 -12.00
N ALA C 67 -32.58 -9.84 -12.06
CA ALA C 67 -33.73 -10.17 -12.88
C ALA C 67 -34.40 -8.87 -13.29
N GLY C 68 -34.81 -8.78 -14.54
CA GLY C 68 -35.51 -7.60 -14.99
C GLY C 68 -35.08 -7.06 -16.34
N ASN C 69 -35.68 -5.95 -16.76
CA ASN C 69 -35.45 -5.35 -18.06
C ASN C 69 -35.17 -3.86 -17.91
N ILE C 70 -34.17 -3.38 -18.65
CA ILE C 70 -33.94 -1.96 -18.87
C ILE C 70 -34.06 -1.73 -20.37
N ILE C 71 -34.98 -0.87 -20.79
CA ILE C 71 -35.35 -0.74 -22.19
C ILE C 71 -35.30 0.72 -22.59
N ILE C 72 -34.47 1.06 -23.56
CA ILE C 72 -34.54 2.34 -24.26
C ILE C 72 -35.17 2.07 -25.61
N ASP C 73 -36.43 2.49 -25.77
CA ASP C 73 -37.09 2.61 -27.08
C ASP C 73 -37.15 1.27 -27.82
N ASP C 74 -37.73 0.28 -27.14
CA ASP C 74 -37.82 -1.11 -27.61
C ASP C 74 -36.43 -1.69 -27.91
N ASP C 75 -35.56 -1.63 -26.91
CA ASP C 75 -34.22 -2.21 -27.01
C ASP C 75 -33.74 -2.53 -25.61
N ASP C 76 -33.67 -3.81 -25.27
CA ASP C 76 -33.31 -4.23 -23.93
C ASP C 76 -31.80 -4.09 -23.75
N ILE C 77 -31.40 -3.21 -22.83
CA ILE C 77 -29.99 -2.89 -22.61
C ILE C 77 -29.50 -3.47 -21.29
N SER C 78 -30.23 -4.45 -20.73
CA SER C 78 -29.94 -4.94 -19.38
C SER C 78 -28.63 -5.71 -19.32
N LEU C 79 -28.24 -6.36 -20.40
CA LEU C 79 -26.91 -6.94 -20.47
C LEU C 79 -25.84 -5.90 -20.72
N LEU C 80 -26.22 -4.77 -21.30
CA LEU C 80 -25.24 -3.77 -21.70
C LEU C 80 -24.77 -2.98 -20.49
N PRO C 81 -23.47 -2.77 -20.32
CA PRO C 81 -22.98 -2.04 -19.15
C PRO C 81 -23.14 -0.53 -19.29
N LEU C 82 -22.56 0.21 -18.32
CA LEU C 82 -22.80 1.65 -18.20
C LEU C 82 -22.25 2.44 -19.38
N HIS C 83 -21.05 2.10 -19.84
CA HIS C 83 -20.51 2.81 -21.00
C HIS C 83 -21.29 2.49 -22.26
N ALA C 84 -21.86 1.29 -22.35
CA ALA C 84 -22.75 0.97 -23.46
C ALA C 84 -24.04 1.78 -23.39
N ARG C 85 -24.60 1.95 -22.18
CA ARG C 85 -25.79 2.77 -22.03
C ARG C 85 -25.52 4.24 -22.32
N ALA C 86 -24.29 4.68 -22.09
CA ALA C 86 -23.91 6.04 -22.46
C ALA C 86 -23.75 6.17 -23.96
N ARG C 87 -23.20 5.14 -24.61
CA ARG C 87 -23.10 5.18 -26.07
C ARG C 87 -24.45 5.03 -26.75
N ARG C 88 -25.46 4.53 -26.03
CA ARG C 88 -26.80 4.46 -26.58
C ARG C 88 -27.69 5.63 -26.16
N GLY C 89 -27.35 6.36 -25.09
CA GLY C 89 -28.08 7.57 -24.79
C GLY C 89 -28.37 7.97 -23.35
N ILE C 90 -27.96 7.18 -22.37
CA ILE C 90 -28.20 7.52 -20.96
C ILE C 90 -26.96 8.19 -20.39
N GLY C 91 -27.14 9.41 -19.87
CA GLY C 91 -26.08 10.10 -19.16
C GLY C 91 -26.19 9.92 -17.66
N TYR C 92 -25.11 10.27 -16.97
CA TYR C 92 -25.06 10.11 -15.52
C TYR C 92 -24.19 11.20 -14.93
N LEU C 93 -24.60 11.71 -13.76
CA LEU C 93 -23.81 12.67 -13.03
C LEU C 93 -23.68 12.15 -11.59
N PRO C 94 -22.47 12.03 -11.06
CA PRO C 94 -22.30 11.43 -9.74
C PRO C 94 -22.70 12.39 -8.62
N GLN C 95 -22.74 11.84 -7.41
CA GLN C 95 -23.02 12.65 -6.23
C GLN C 95 -21.90 13.63 -5.96
N GLU C 96 -20.72 13.11 -5.67
CA GLU C 96 -19.62 13.94 -5.21
C GLU C 96 -18.96 14.65 -6.38
N ALA C 97 -17.87 15.35 -6.10
CA ALA C 97 -17.29 16.25 -7.09
C ALA C 97 -16.58 15.45 -8.16
N SER C 98 -17.02 15.61 -9.39
CA SER C 98 -16.70 14.67 -10.45
C SER C 98 -16.09 15.36 -11.66
N ILE C 99 -15.33 16.39 -11.40
CA ILE C 99 -14.68 17.17 -12.44
C ILE C 99 -13.27 16.61 -12.63
N PHE C 100 -12.68 16.83 -13.80
CA PHE C 100 -11.32 16.40 -14.06
C PHE C 100 -10.37 17.48 -13.55
N ARG C 101 -9.66 17.20 -12.47
CA ARG C 101 -8.97 18.23 -11.73
C ARG C 101 -7.65 18.68 -12.35
N ARG C 102 -7.37 18.39 -13.61
CA ARG C 102 -6.12 18.82 -14.21
C ARG C 102 -6.28 19.43 -15.59
N LEU C 103 -7.32 19.08 -16.33
CA LEU C 103 -7.58 19.69 -17.63
C LEU C 103 -8.15 21.08 -17.43
N SER C 104 -8.50 21.74 -18.53
CA SER C 104 -9.31 22.93 -18.43
C SER C 104 -10.76 22.55 -18.59
N VAL C 105 -11.65 23.53 -18.37
CA VAL C 105 -13.05 23.35 -18.70
C VAL C 105 -13.21 23.15 -20.20
N TYR C 106 -12.49 23.97 -20.97
CA TYR C 106 -12.42 23.85 -22.42
C TYR C 106 -11.96 22.45 -22.83
N ASP C 107 -10.91 21.96 -22.18
CA ASP C 107 -10.40 20.64 -22.55
C ASP C 107 -11.29 19.53 -22.03
N ASN C 108 -12.07 19.76 -20.98
CA ASN C 108 -13.02 18.75 -20.53
C ASN C 108 -14.13 18.57 -21.55
N LEU C 109 -14.69 19.69 -22.02
CA LEU C 109 -15.76 19.60 -23.01
C LEU C 109 -15.25 19.03 -24.32
N MET C 110 -14.05 19.42 -24.75
CA MET C 110 -13.48 18.75 -25.93
C MET C 110 -13.14 17.30 -25.68
N ALA C 111 -12.77 16.94 -24.45
CA ALA C 111 -12.39 15.57 -24.16
C ALA C 111 -13.58 14.63 -24.17
N VAL C 112 -14.75 15.15 -23.84
CA VAL C 112 -15.94 14.33 -24.04
C VAL C 112 -16.41 14.42 -25.49
N LEU C 113 -16.13 15.53 -26.17
CA LEU C 113 -16.45 15.58 -27.59
C LEU C 113 -15.51 14.76 -28.46
N GLN C 114 -14.41 14.23 -27.91
CA GLN C 114 -13.52 13.38 -28.70
C GLN C 114 -14.20 12.07 -29.09
N ILE C 115 -14.88 11.43 -28.15
CA ILE C 115 -15.45 10.11 -28.39
C ILE C 115 -16.69 10.15 -29.25
N ARG C 116 -17.21 11.34 -29.53
CA ARG C 116 -18.31 11.52 -30.49
C ARG C 116 -17.79 11.26 -31.89
N ASP C 117 -18.12 10.11 -32.45
CA ASP C 117 -17.62 9.70 -33.76
C ASP C 117 -18.43 10.28 -34.91
N ASP C 118 -19.21 11.34 -34.67
CA ASP C 118 -20.06 11.94 -35.69
C ASP C 118 -19.74 13.40 -35.93
N LEU C 119 -18.58 13.87 -35.50
CA LEU C 119 -18.25 15.29 -35.53
C LEU C 119 -16.98 15.52 -36.35
N SER C 120 -16.62 16.79 -36.47
CA SER C 120 -15.41 17.19 -37.18
C SER C 120 -14.63 18.20 -36.34
N ALA C 121 -13.62 18.83 -36.96
CA ALA C 121 -12.77 19.75 -36.22
C ALA C 121 -13.51 21.03 -35.85
N GLU C 122 -14.22 21.63 -36.81
CA GLU C 122 -14.95 22.84 -36.51
C GLU C 122 -16.24 22.55 -35.73
N GLN C 123 -16.81 21.36 -35.90
CA GLN C 123 -18.07 21.04 -35.23
C GLN C 123 -17.88 20.85 -33.74
N ARG C 124 -16.74 20.30 -33.32
CA ARG C 124 -16.48 20.13 -31.89
C ARG C 124 -16.27 21.49 -31.21
N GLU C 125 -15.53 22.38 -31.86
CA GLU C 125 -15.37 23.75 -31.35
C GLU C 125 -16.71 24.48 -31.28
N ASP C 126 -17.55 24.29 -32.31
CA ASP C 126 -18.86 24.95 -32.34
C ASP C 126 -19.76 24.46 -31.22
N ARG C 127 -19.88 23.13 -31.07
CA ARG C 127 -20.70 22.56 -30.01
C ARG C 127 -20.19 22.93 -28.63
N ALA C 128 -18.86 23.00 -28.47
CA ALA C 128 -18.29 23.40 -27.20
C ALA C 128 -18.59 24.86 -26.88
N ASN C 129 -18.49 25.73 -27.88
CA ASN C 129 -18.80 27.14 -27.65
C ASN C 129 -20.28 27.36 -27.39
N GLU C 130 -21.14 26.56 -28.04
CA GLU C 130 -22.57 26.54 -27.73
C GLU C 130 -22.82 26.20 -26.27
N LEU C 131 -22.24 25.09 -25.79
CA LEU C 131 -22.50 24.64 -24.43
C LEU C 131 -21.90 25.58 -23.40
N MET C 132 -20.71 26.11 -23.67
CA MET C 132 -20.09 27.03 -22.72
C MET C 132 -20.82 28.36 -22.66
N GLU C 133 -21.23 28.92 -23.81
CA GLU C 133 -22.00 30.16 -23.79
C GLU C 133 -23.40 29.97 -23.23
N GLU C 134 -23.93 28.74 -23.29
CA GLU C 134 -25.27 28.52 -22.74
C GLU C 134 -25.22 28.30 -21.23
N PHE C 135 -24.16 27.67 -20.73
CA PHE C 135 -24.08 27.33 -19.31
C PHE C 135 -23.18 28.27 -18.52
N HIS C 136 -22.74 29.37 -19.15
CA HIS C 136 -22.10 30.52 -18.49
C HIS C 136 -20.77 30.14 -17.83
N ILE C 137 -19.89 29.55 -18.63
CA ILE C 137 -18.55 29.17 -18.19
C ILE C 137 -17.52 29.65 -19.21
N GLU C 138 -17.99 30.30 -20.27
CA GLU C 138 -17.13 30.65 -21.39
C GLU C 138 -16.12 31.74 -21.02
N HIS C 139 -16.36 32.48 -19.94
CA HIS C 139 -15.35 33.36 -19.39
C HIS C 139 -14.37 32.61 -18.50
N LEU C 140 -14.79 31.47 -17.95
CA LEU C 140 -13.90 30.57 -17.22
C LEU C 140 -13.37 29.45 -18.12
N ARG C 141 -13.38 29.70 -19.44
CA ARG C 141 -12.85 28.79 -20.45
C ARG C 141 -11.44 28.28 -20.16
N ASP C 142 -10.55 29.16 -19.71
CA ASP C 142 -9.17 28.77 -19.45
C ASP C 142 -8.87 28.55 -17.97
N SER C 143 -9.82 28.02 -17.22
CA SER C 143 -9.59 27.80 -15.81
C SER C 143 -9.31 26.33 -15.54
N MET C 144 -8.76 26.06 -14.36
CA MET C 144 -8.51 24.70 -13.89
C MET C 144 -9.65 24.27 -12.99
N GLY C 145 -10.24 23.11 -13.29
CA GLY C 145 -11.40 22.64 -12.54
C GLY C 145 -11.12 22.28 -11.10
N GLN C 146 -9.86 21.99 -10.76
CA GLN C 146 -9.49 21.76 -9.38
C GLN C 146 -9.64 23.02 -8.55
N SER C 147 -9.45 24.18 -9.17
CA SER C 147 -9.40 25.47 -8.49
C SER C 147 -10.65 26.29 -8.76
N LEU C 148 -11.82 25.65 -8.84
CA LEU C 148 -13.08 26.35 -9.04
C LEU C 148 -13.97 26.19 -7.80
N SER C 149 -15.12 26.84 -7.86
CA SER C 149 -16.07 26.82 -6.76
C SER C 149 -17.15 25.78 -7.05
N GLY C 150 -18.10 25.67 -6.12
CA GLY C 150 -19.10 24.62 -6.20
C GLY C 150 -20.07 24.80 -7.34
N GLY C 151 -20.65 26.00 -7.46
CA GLY C 151 -21.64 26.24 -8.49
C GLY C 151 -21.04 26.27 -9.89
N GLU C 152 -19.85 26.87 -10.01
CA GLU C 152 -19.12 26.85 -11.27
C GLU C 152 -18.75 25.42 -11.66
N ARG C 153 -18.37 24.61 -10.67
CA ARG C 153 -18.01 23.23 -10.93
C ARG C 153 -19.24 22.40 -11.34
N ARG C 154 -20.40 22.70 -10.77
CA ARG C 154 -21.61 22.01 -11.20
C ARG C 154 -22.01 22.43 -12.61
N ARG C 155 -21.78 23.70 -12.96
CA ARG C 155 -21.97 24.13 -14.35
C ARG C 155 -21.07 23.34 -15.30
N VAL C 156 -19.82 23.12 -14.91
CA VAL C 156 -18.90 22.38 -15.77
C VAL C 156 -19.31 20.91 -15.87
N GLU C 157 -19.78 20.33 -14.77
CA GLU C 157 -20.19 18.92 -14.80
C GLU C 157 -21.45 18.72 -15.63
N ILE C 158 -22.42 19.65 -15.55
CA ILE C 158 -23.61 19.53 -16.40
C ILE C 158 -23.25 19.78 -17.86
N ALA C 159 -22.34 20.71 -18.13
CA ALA C 159 -21.91 20.95 -19.50
C ALA C 159 -21.16 19.75 -20.06
N ARG C 160 -20.41 19.05 -19.22
CA ARG C 160 -19.70 17.87 -19.65
C ARG C 160 -20.68 16.73 -19.91
N ALA C 161 -21.73 16.64 -19.10
CA ALA C 161 -22.78 15.66 -19.35
C ALA C 161 -23.50 15.96 -20.66
N LEU C 162 -23.73 17.24 -20.94
CA LEU C 162 -24.36 17.63 -22.20
C LEU C 162 -23.43 17.50 -23.39
N ALA C 163 -22.13 17.38 -23.15
CA ALA C 163 -21.21 17.21 -24.27
C ALA C 163 -21.38 15.85 -24.93
N ALA C 164 -21.82 14.84 -24.18
CA ALA C 164 -22.07 13.54 -24.76
C ALA C 164 -23.37 13.47 -25.53
N ASN C 165 -24.18 14.54 -25.50
CA ASN C 165 -25.53 14.67 -26.07
C ASN C 165 -26.43 13.53 -25.61
N PRO C 166 -26.85 13.50 -24.35
CA PRO C 166 -27.61 12.36 -23.84
C PRO C 166 -29.08 12.49 -24.20
N LYS C 167 -29.85 11.49 -23.80
CA LYS C 167 -31.30 11.52 -23.92
C LYS C 167 -32.02 11.20 -22.63
N PHE C 168 -31.35 10.60 -21.65
CA PHE C 168 -31.87 10.46 -20.29
C PHE C 168 -30.69 10.63 -19.36
N ILE C 169 -30.57 11.82 -18.78
CA ILE C 169 -29.53 12.08 -17.80
C ILE C 169 -30.06 11.67 -16.43
N LEU C 170 -29.25 10.94 -15.68
CA LEU C 170 -29.67 10.33 -14.42
C LEU C 170 -28.85 10.95 -13.31
N LEU C 171 -29.36 12.04 -12.75
CA LEU C 171 -28.62 12.81 -11.76
C LEU C 171 -28.59 12.09 -10.42
N ASP C 172 -27.46 12.17 -9.73
CA ASP C 172 -27.33 11.62 -8.38
C ASP C 172 -27.00 12.77 -7.44
N GLU C 173 -27.91 13.05 -6.52
CA GLU C 173 -27.85 14.08 -5.48
C GLU C 173 -27.38 15.45 -5.94
N PRO C 174 -28.15 16.22 -6.69
CA PRO C 174 -27.73 17.59 -7.00
C PRO C 174 -28.14 18.59 -5.93
N PHE C 175 -29.16 18.25 -5.14
CA PHE C 175 -29.72 19.15 -4.15
C PHE C 175 -29.16 18.92 -2.75
N ALA C 176 -28.01 18.26 -2.65
CA ALA C 176 -27.42 17.97 -1.35
C ALA C 176 -26.25 18.91 -1.08
N GLY C 177 -26.17 19.37 0.17
CA GLY C 177 -24.98 20.06 0.64
C GLY C 177 -24.82 21.49 0.20
N VAL C 178 -25.88 22.13 -0.29
CA VAL C 178 -25.80 23.52 -0.70
C VAL C 178 -26.92 24.32 -0.04
N ASP C 179 -26.69 25.63 0.10
CA ASP C 179 -27.67 26.55 0.64
C ASP C 179 -28.86 26.68 -0.30
N PRO C 180 -30.02 27.16 0.20
CA PRO C 180 -31.20 27.32 -0.68
C PRO C 180 -31.00 28.23 -1.89
N ILE C 181 -30.01 29.13 -1.88
CA ILE C 181 -29.72 29.92 -3.08
C ILE C 181 -29.16 29.04 -4.18
N SER C 182 -28.17 28.20 -3.85
CA SER C 182 -27.68 27.26 -4.85
C SER C 182 -28.70 26.16 -5.14
N VAL C 183 -29.61 25.88 -4.20
CA VAL C 183 -30.71 24.97 -4.47
C VAL C 183 -31.60 25.52 -5.57
N ILE C 184 -31.89 26.83 -5.52
CA ILE C 184 -32.75 27.36 -6.57
C ILE C 184 -31.97 27.58 -7.86
N ASP C 185 -30.64 27.70 -7.81
CA ASP C 185 -29.87 27.76 -9.05
C ASP C 185 -29.82 26.39 -9.74
N ILE C 186 -29.62 25.32 -8.97
CA ILE C 186 -29.66 23.98 -9.56
C ILE C 186 -31.09 23.59 -9.95
N LYS C 187 -32.07 24.16 -9.25
CA LYS C 187 -33.47 24.07 -9.68
C LYS C 187 -33.66 24.68 -11.06
N ARG C 188 -33.04 25.85 -11.30
CA ARG C 188 -33.15 26.48 -12.60
C ARG C 188 -32.36 25.74 -13.66
N ILE C 189 -31.29 25.03 -13.30
CA ILE C 189 -30.60 24.28 -14.35
C ILE C 189 -31.37 22.99 -14.69
N ILE C 190 -32.12 22.43 -13.74
CA ILE C 190 -32.98 21.30 -14.09
C ILE C 190 -34.20 21.78 -14.88
N GLU C 191 -34.70 22.99 -14.59
CA GLU C 191 -35.72 23.60 -15.43
C GLU C 191 -35.21 23.87 -16.84
N HIS C 192 -33.93 24.25 -16.95
CA HIS C 192 -33.33 24.45 -18.26
C HIS C 192 -33.15 23.12 -19.00
N LEU C 193 -32.91 22.04 -18.26
CA LEU C 193 -32.82 20.74 -18.92
C LEU C 193 -34.19 20.20 -19.32
N ARG C 194 -35.25 20.51 -18.56
CA ARG C 194 -36.56 20.09 -19.04
C ARG C 194 -37.07 21.01 -20.15
N ASP C 195 -36.49 22.20 -20.29
CA ASP C 195 -36.72 22.96 -21.51
C ASP C 195 -36.03 22.29 -22.71
N SER C 196 -34.91 21.61 -22.47
CA SER C 196 -34.14 21.02 -23.55
C SER C 196 -34.77 19.75 -24.11
N GLY C 197 -35.84 19.23 -23.51
CA GLY C 197 -36.42 17.99 -23.94
C GLY C 197 -35.70 16.75 -23.46
N LEU C 198 -34.79 16.88 -22.51
CA LEU C 198 -34.05 15.76 -21.95
C LEU C 198 -34.75 15.24 -20.71
N GLY C 199 -34.95 13.93 -20.65
CA GLY C 199 -35.48 13.34 -19.44
C GLY C 199 -34.46 13.37 -18.32
N VAL C 200 -34.97 13.49 -17.09
CA VAL C 200 -34.13 13.57 -15.89
C VAL C 200 -34.67 12.60 -14.86
N LEU C 201 -33.82 11.70 -14.38
CA LEU C 201 -34.14 10.86 -13.24
C LEU C 201 -33.24 11.26 -12.08
N ILE C 202 -33.83 11.44 -10.91
CA ILE C 202 -33.16 12.09 -9.79
C ILE C 202 -33.50 11.37 -8.49
N THR C 203 -32.49 11.18 -7.64
CA THR C 203 -32.66 10.62 -6.31
C THR C 203 -32.04 11.56 -5.29
N ASP C 204 -32.85 12.03 -4.35
CA ASP C 204 -32.37 12.89 -3.28
C ASP C 204 -32.89 12.38 -1.95
N HIS C 205 -32.38 12.99 -0.88
CA HIS C 205 -33.00 12.90 0.44
C HIS C 205 -33.47 14.27 0.91
N ASN C 206 -33.72 15.16 -0.05
CA ASN C 206 -34.40 16.42 0.17
C ASN C 206 -35.78 16.27 -0.44
N VAL C 207 -36.71 15.73 0.35
CA VAL C 207 -38.04 15.41 -0.16
C VAL C 207 -38.82 16.68 -0.48
N ARG C 208 -38.90 17.59 0.49
CA ARG C 208 -39.59 18.86 0.31
C ARG C 208 -38.71 19.92 -0.35
N GLU C 209 -37.61 19.51 -0.97
CA GLU C 209 -36.76 20.39 -1.76
C GLU C 209 -36.47 19.79 -3.13
N THR C 210 -36.98 18.60 -3.41
CA THR C 210 -36.86 17.90 -4.68
C THR C 210 -38.20 17.54 -5.28
N LEU C 211 -39.16 17.15 -4.44
CA LEU C 211 -40.48 16.74 -4.88
C LEU C 211 -41.29 17.88 -5.47
N ALA C 212 -40.87 19.14 -5.26
CA ALA C 212 -41.56 20.29 -5.81
C ALA C 212 -41.21 20.56 -7.27
N VAL C 213 -40.20 19.89 -7.82
CA VAL C 213 -39.90 20.07 -9.24
C VAL C 213 -40.35 18.89 -10.09
N CYS C 214 -40.54 17.72 -9.50
CA CYS C 214 -40.83 16.52 -10.27
C CYS C 214 -42.26 16.53 -10.79
N GLU C 215 -42.41 16.25 -12.08
CA GLU C 215 -43.73 16.19 -12.69
C GLU C 215 -44.43 14.89 -12.34
N ARG C 216 -43.65 13.85 -12.06
CA ARG C 216 -44.13 12.65 -11.40
C ARG C 216 -42.94 12.01 -10.72
N ALA C 217 -43.19 11.28 -9.65
CA ALA C 217 -42.11 10.67 -8.90
C ALA C 217 -42.52 9.29 -8.43
N TYR C 218 -41.54 8.40 -8.36
CA TYR C 218 -41.76 7.06 -7.87
C TYR C 218 -41.10 6.91 -6.51
N ILE C 219 -41.77 6.24 -5.60
CA ILE C 219 -41.33 6.16 -4.21
C ILE C 219 -41.07 4.69 -3.91
N VAL C 220 -39.82 4.26 -4.02
CA VAL C 220 -39.46 2.93 -3.59
C VAL C 220 -39.52 2.89 -2.07
N SER C 221 -39.95 1.74 -1.53
CA SER C 221 -40.07 1.59 -0.09
C SER C 221 -39.79 0.14 0.26
N GLN C 222 -38.53 -0.14 0.65
CA GLN C 222 -38.04 -1.47 1.01
C GLN C 222 -38.23 -2.48 -0.12
N GLY C 223 -38.13 -1.99 -1.35
CA GLY C 223 -38.35 -2.83 -2.51
C GLY C 223 -39.56 -2.44 -3.31
N HIS C 224 -40.66 -2.08 -2.65
CA HIS C 224 -41.92 -1.85 -3.34
C HIS C 224 -42.11 -0.39 -3.70
N LEU C 225 -42.69 -0.15 -4.87
CA LEU C 225 -43.13 1.18 -5.27
C LEU C 225 -44.53 1.44 -4.72
N ILE C 226 -44.59 1.64 -3.40
CA ILE C 226 -45.89 1.79 -2.75
C ILE C 226 -46.55 3.12 -3.05
N ALA C 227 -45.82 4.08 -3.61
CA ALA C 227 -46.39 5.33 -4.06
C ALA C 227 -45.81 5.65 -5.43
N HIS C 228 -46.68 6.01 -6.36
CA HIS C 228 -46.27 6.32 -7.72
C HIS C 228 -47.25 7.30 -8.33
N GLY C 229 -46.72 8.34 -8.96
CA GLY C 229 -47.56 9.37 -9.54
C GLY C 229 -47.10 10.78 -9.20
N THR C 230 -48.04 11.72 -9.22
CA THR C 230 -47.75 13.12 -9.01
C THR C 230 -47.38 13.39 -7.55
N PRO C 231 -46.65 14.48 -7.26
CA PRO C 231 -46.22 14.74 -5.85
C PRO C 231 -47.36 14.94 -4.87
N THR C 232 -48.48 15.52 -5.32
CA THR C 232 -49.62 15.69 -4.43
C THR C 232 -50.26 14.33 -4.09
N GLU C 233 -50.35 13.44 -5.08
CA GLU C 233 -50.86 12.10 -4.83
C GLU C 233 -49.91 11.29 -3.97
N ILE C 234 -48.61 11.57 -4.05
CA ILE C 234 -47.66 10.98 -3.11
C ILE C 234 -47.90 11.51 -1.70
N LEU C 235 -48.15 12.81 -1.57
CA LEU C 235 -48.43 13.41 -0.28
C LEU C 235 -49.82 13.05 0.27
N GLN C 236 -50.68 12.42 -0.52
CA GLN C 236 -51.95 11.94 0.02
C GLN C 236 -51.74 10.74 0.93
N ASP C 237 -51.20 9.64 0.38
CA ASP C 237 -50.93 8.46 1.18
C ASP C 237 -49.73 8.69 2.09
N GLU C 238 -49.79 8.09 3.28
CA GLU C 238 -48.68 8.10 4.21
C GLU C 238 -48.32 6.68 4.61
N HIS C 239 -48.22 5.80 3.63
CA HIS C 239 -47.86 4.42 3.92
C HIS C 239 -46.39 4.30 4.31
N VAL C 240 -45.56 5.26 3.92
CA VAL C 240 -44.25 5.42 4.55
C VAL C 240 -44.42 5.94 5.97
N LYS C 241 -45.03 7.11 6.11
CA LYS C 241 -45.18 7.75 7.40
C LYS C 241 -46.36 7.19 8.16
N ALA D 12 -24.68 27.58 35.14
CA ALA D 12 -25.81 27.14 34.34
C ALA D 12 -25.97 27.97 33.08
N THR D 13 -24.87 28.62 32.66
CA THR D 13 -24.92 29.51 31.52
C THR D 13 -23.60 29.42 30.75
N LEU D 14 -23.71 29.22 29.44
CA LEU D 14 -22.56 29.16 28.55
C LEU D 14 -22.57 30.34 27.59
N THR D 15 -21.41 30.94 27.37
CA THR D 15 -21.28 32.11 26.52
C THR D 15 -19.95 32.05 25.78
N ALA D 16 -19.99 32.24 24.47
CA ALA D 16 -18.79 32.38 23.66
C ALA D 16 -18.56 33.85 23.39
N LYS D 17 -17.33 34.31 23.60
CA LYS D 17 -16.99 35.72 23.43
C LYS D 17 -15.84 35.85 22.43
N ASN D 18 -16.14 36.44 21.27
CA ASN D 18 -15.16 36.96 20.31
C ASN D 18 -14.26 35.85 19.75
N LEU D 19 -14.90 34.90 19.10
CA LEU D 19 -14.19 33.78 18.53
C LEU D 19 -13.46 34.21 17.25
N ALA D 20 -12.33 33.57 16.98
CA ALA D 20 -11.52 33.91 15.81
C ALA D 20 -10.64 32.74 15.42
N LYS D 21 -10.52 32.51 14.12
CA LYS D 21 -9.80 31.38 13.57
C LYS D 21 -9.46 31.65 12.12
N ALA D 22 -8.28 31.21 11.68
CA ALA D 22 -7.87 31.27 10.29
C ALA D 22 -7.08 30.02 9.93
N TYR D 23 -6.77 29.87 8.63
CA TYR D 23 -6.01 28.71 8.13
C TYR D 23 -4.94 29.23 7.18
N LYS D 24 -3.78 29.57 7.73
CA LYS D 24 -2.63 30.13 6.99
C LYS D 24 -3.03 31.36 6.17
N GLY D 25 -3.54 32.38 6.88
CA GLY D 25 -3.98 33.58 6.22
C GLY D 25 -5.32 33.48 5.51
N ARG D 26 -6.02 32.35 5.64
CA ARG D 26 -7.38 32.21 5.13
C ARG D 26 -8.32 32.31 6.34
N ARG D 27 -8.92 33.48 6.52
CA ARG D 27 -9.77 33.70 7.67
C ARG D 27 -11.13 33.05 7.47
N VAL D 28 -11.65 32.44 8.54
CA VAL D 28 -12.94 31.76 8.47
C VAL D 28 -13.90 32.30 9.52
N VAL D 29 -13.37 32.82 10.63
CA VAL D 29 -14.16 33.38 11.72
C VAL D 29 -13.53 34.69 12.14
N GLU D 30 -14.33 35.76 12.20
CA GLU D 30 -13.82 37.11 12.47
C GLU D 30 -14.70 37.76 13.54
N ASP D 31 -14.32 37.58 14.81
CA ASP D 31 -14.91 38.24 15.99
C ASP D 31 -16.41 37.90 16.11
N VAL D 32 -16.66 36.63 16.40
CA VAL D 32 -18.01 36.09 16.53
C VAL D 32 -18.23 35.68 17.98
N SER D 33 -19.31 36.20 18.58
CA SER D 33 -19.69 35.86 19.95
C SER D 33 -21.10 35.30 19.98
N LEU D 34 -21.26 34.14 20.59
CA LEU D 34 -22.59 33.53 20.71
C LEU D 34 -22.88 33.21 22.18
N THR D 35 -24.17 33.26 22.51
CA THR D 35 -24.64 33.04 23.87
C THR D 35 -25.66 31.92 23.86
N VAL D 36 -25.47 30.93 24.73
CA VAL D 36 -26.39 29.80 24.81
C VAL D 36 -26.84 29.63 26.27
N ASN D 37 -28.08 29.97 26.55
CA ASN D 37 -28.62 29.80 27.88
C ASN D 37 -28.98 28.33 28.08
N SER D 38 -29.32 27.98 29.31
CA SER D 38 -29.69 26.60 29.60
C SER D 38 -31.11 26.34 29.17
N GLY D 39 -31.37 25.09 28.79
CA GLY D 39 -32.73 24.63 28.58
C GLY D 39 -33.41 25.10 27.31
N GLU D 40 -32.64 25.48 26.30
CA GLU D 40 -33.26 25.91 25.05
C GLU D 40 -32.45 25.42 23.85
N ILE D 41 -33.18 25.06 22.80
CA ILE D 41 -32.60 24.52 21.58
C ILE D 41 -32.06 25.72 20.79
N VAL D 42 -30.77 25.94 20.87
CA VAL D 42 -30.15 27.05 20.16
C VAL D 42 -29.57 26.52 18.86
N GLY D 43 -29.97 27.13 17.75
CA GLY D 43 -29.38 26.77 16.47
C GLY D 43 -28.12 27.53 16.19
N LEU D 44 -27.46 27.13 15.11
CA LEU D 44 -26.29 27.84 14.61
C LEU D 44 -26.20 27.50 13.12
N LEU D 45 -26.64 28.44 12.28
CA LEU D 45 -26.78 28.16 10.85
C LEU D 45 -25.98 29.18 10.06
N GLY D 46 -26.01 29.02 8.73
CA GLY D 46 -25.30 29.93 7.86
C GLY D 46 -25.20 29.45 6.43
N PRO D 47 -24.18 29.92 5.72
CA PRO D 47 -23.93 29.43 4.35
C PRO D 47 -22.93 28.29 4.36
N ASN D 48 -22.73 27.68 3.20
CA ASN D 48 -22.05 26.37 3.10
C ASN D 48 -20.57 26.54 3.34
N GLY D 49 -20.14 26.22 4.56
CA GLY D 49 -18.73 26.23 4.88
C GLY D 49 -18.13 27.60 5.08
N ALA D 50 -18.88 28.53 5.66
CA ALA D 50 -18.34 29.83 6.02
C ALA D 50 -18.52 30.13 7.51
N GLY D 51 -18.70 29.09 8.33
CA GLY D 51 -18.75 29.30 9.76
C GLY D 51 -19.75 28.45 10.52
N LYS D 52 -20.54 27.64 9.84
CA LYS D 52 -21.34 26.64 10.55
C LYS D 52 -20.46 25.58 11.18
N THR D 53 -19.43 25.15 10.44
CA THR D 53 -18.52 24.13 10.91
C THR D 53 -17.51 24.69 11.91
N THR D 54 -16.93 25.85 11.58
CA THR D 54 -15.75 26.32 12.28
C THR D 54 -16.09 26.86 13.66
N THR D 55 -17.14 27.69 13.76
CA THR D 55 -17.54 28.25 15.04
C THR D 55 -18.01 27.17 15.99
N PHE D 56 -18.74 26.19 15.47
CA PHE D 56 -19.17 25.06 16.27
C PHE D 56 -17.99 24.23 16.76
N TYR D 57 -17.00 24.02 15.89
CA TYR D 57 -15.85 23.24 16.32
C TYR D 57 -14.94 24.01 17.25
N MET D 58 -15.03 25.34 17.31
CA MET D 58 -14.31 26.05 18.35
C MET D 58 -15.03 25.95 19.69
N VAL D 59 -16.37 26.06 19.68
CA VAL D 59 -17.09 25.96 20.94
C VAL D 59 -17.04 24.53 21.47
N VAL D 60 -16.95 23.54 20.59
CA VAL D 60 -16.59 22.18 20.99
C VAL D 60 -15.16 22.15 21.52
N GLY D 61 -14.22 22.62 20.71
CA GLY D 61 -12.83 22.63 21.08
C GLY D 61 -11.94 21.70 20.29
N ILE D 62 -12.47 21.10 19.21
CA ILE D 62 -11.63 20.26 18.36
C ILE D 62 -10.57 21.08 17.67
N VAL D 63 -10.98 22.11 16.94
CA VAL D 63 -10.02 23.02 16.35
C VAL D 63 -9.52 23.96 17.44
N PRO D 64 -8.27 24.39 17.40
CA PRO D 64 -7.83 25.42 18.32
C PRO D 64 -8.09 26.81 17.76
N ARG D 65 -8.57 27.69 18.63
CA ARG D 65 -8.83 29.06 18.25
C ARG D 65 -7.52 29.85 18.28
N ASP D 66 -7.62 31.17 18.06
CA ASP D 66 -6.54 32.08 18.43
C ASP D 66 -6.99 33.04 19.52
N ALA D 67 -8.06 33.78 19.28
CA ALA D 67 -8.65 34.67 20.28
C ALA D 67 -10.09 34.27 20.50
N GLY D 68 -10.48 34.24 21.77
CA GLY D 68 -11.83 33.85 22.13
C GLY D 68 -11.93 33.58 23.62
N ASN D 69 -13.16 33.67 24.12
CA ASN D 69 -13.45 33.45 25.53
C ASN D 69 -14.69 32.58 25.65
N ILE D 70 -14.53 31.40 26.24
CA ILE D 70 -15.64 30.49 26.51
C ILE D 70 -15.83 30.48 28.03
N ILE D 71 -17.08 30.64 28.47
CA ILE D 71 -17.37 30.91 29.88
C ILE D 71 -18.51 30.01 30.34
N ILE D 72 -18.27 29.25 31.41
CA ILE D 72 -19.34 28.66 32.22
C ILE D 72 -19.09 29.11 33.65
N ASP D 73 -19.88 30.09 34.11
CA ASP D 73 -19.80 30.67 35.45
C ASP D 73 -18.40 31.21 35.75
N ASP D 74 -18.00 32.20 34.94
CA ASP D 74 -16.75 32.96 35.09
C ASP D 74 -15.51 32.06 35.01
N ASP D 75 -15.59 31.03 34.17
CA ASP D 75 -14.50 30.07 34.01
C ASP D 75 -14.01 30.16 32.57
N ASP D 76 -12.79 30.63 32.39
CA ASP D 76 -12.18 30.73 31.06
C ASP D 76 -11.71 29.35 30.67
N ILE D 77 -12.61 28.58 30.07
CA ILE D 77 -12.36 27.20 29.67
C ILE D 77 -11.89 27.16 28.23
N SER D 78 -11.45 28.31 27.73
CA SER D 78 -11.04 28.41 26.33
C SER D 78 -9.66 27.81 26.09
N LEU D 79 -8.86 27.61 27.13
CA LEU D 79 -7.52 27.08 27.00
C LEU D 79 -7.45 25.59 27.28
N LEU D 80 -8.58 24.96 27.55
CA LEU D 80 -8.61 23.55 27.90
C LEU D 80 -8.37 22.68 26.68
N PRO D 81 -8.10 21.39 26.89
CA PRO D 81 -8.30 20.43 25.81
C PRO D 81 -9.78 20.09 25.67
N LEU D 82 -10.09 19.13 24.81
CA LEU D 82 -11.47 18.78 24.56
C LEU D 82 -12.11 18.13 25.78
N HIS D 83 -11.47 17.11 26.33
CA HIS D 83 -12.07 16.35 27.41
C HIS D 83 -12.09 17.10 28.72
N ALA D 84 -11.25 18.12 28.90
CA ALA D 84 -11.37 18.95 30.09
C ALA D 84 -12.64 19.80 30.04
N ARG D 85 -13.02 20.24 28.84
CA ARG D 85 -14.34 20.84 28.68
C ARG D 85 -15.42 19.79 28.92
N ALA D 86 -15.18 18.56 28.50
CA ALA D 86 -16.10 17.49 28.80
C ALA D 86 -16.03 17.09 30.26
N ARG D 87 -14.89 17.35 30.92
CA ARG D 87 -14.78 17.07 32.35
C ARG D 87 -15.61 18.04 33.16
N ARG D 88 -15.80 19.25 32.66
CA ARG D 88 -16.44 20.32 33.41
C ARG D 88 -17.81 20.67 32.85
N GLY D 89 -18.56 19.66 32.38
CA GLY D 89 -19.98 19.82 32.15
C GLY D 89 -20.44 20.02 30.71
N ILE D 90 -19.55 19.99 29.74
CA ILE D 90 -19.95 20.13 28.34
C ILE D 90 -20.08 18.74 27.73
N GLY D 91 -21.14 18.52 26.97
CA GLY D 91 -21.25 17.32 26.16
C GLY D 91 -20.95 17.62 24.70
N TYR D 92 -20.90 16.56 23.91
CA TYR D 92 -20.64 16.64 22.49
C TYR D 92 -21.08 15.34 21.83
N LEU D 93 -21.71 15.46 20.68
CA LEU D 93 -22.07 14.31 19.89
C LEU D 93 -21.51 14.52 18.49
N PRO D 94 -20.81 13.55 17.92
CA PRO D 94 -20.20 13.75 16.61
C PRO D 94 -21.21 13.67 15.47
N GLN D 95 -20.74 13.74 14.23
CA GLN D 95 -21.66 13.66 13.10
C GLN D 95 -22.02 12.22 12.77
N GLU D 96 -21.08 11.31 12.87
CA GLU D 96 -21.24 9.96 12.34
C GLU D 96 -21.24 8.94 13.46
N ALA D 97 -21.15 7.66 13.08
CA ALA D 97 -21.44 6.52 13.95
C ALA D 97 -20.36 6.38 15.01
N SER D 98 -20.51 7.14 16.09
CA SER D 98 -19.61 7.08 17.22
C SER D 98 -20.06 6.03 18.24
N ILE D 99 -20.29 4.81 17.78
CA ILE D 99 -20.61 3.70 18.64
C ILE D 99 -19.43 2.75 18.72
N PHE D 100 -19.15 2.28 19.92
CA PHE D 100 -18.15 1.26 20.14
C PHE D 100 -18.72 -0.07 19.66
N ARG D 101 -18.53 -0.38 18.37
CA ARG D 101 -19.27 -1.46 17.71
C ARG D 101 -18.94 -2.84 18.27
N ARG D 102 -17.86 -3.01 19.00
CA ARG D 102 -17.55 -4.29 19.61
C ARG D 102 -17.59 -4.22 21.12
N LEU D 103 -18.58 -3.51 21.65
CA LEU D 103 -18.93 -3.53 23.06
C LEU D 103 -20.44 -3.71 23.16
N SER D 104 -20.90 -4.14 24.32
CA SER D 104 -22.34 -4.12 24.54
C SER D 104 -22.77 -2.72 24.96
N VAL D 105 -24.09 -2.49 24.92
CA VAL D 105 -24.61 -1.16 25.17
C VAL D 105 -24.48 -0.78 26.64
N TYR D 106 -24.76 -1.74 27.52
CA TYR D 106 -24.56 -1.51 28.95
C TYR D 106 -23.08 -1.30 29.27
N ASP D 107 -22.20 -1.98 28.54
CA ASP D 107 -20.77 -1.70 28.68
C ASP D 107 -20.41 -0.32 28.18
N ASN D 108 -21.08 0.17 27.14
CA ASN D 108 -20.82 1.53 26.67
C ASN D 108 -21.23 2.55 27.72
N LEU D 109 -22.40 2.34 28.32
CA LEU D 109 -22.90 3.28 29.32
C LEU D 109 -22.04 3.26 30.58
N MET D 110 -21.66 2.08 31.04
CA MET D 110 -20.77 2.01 32.19
C MET D 110 -19.38 2.52 31.85
N ALA D 111 -18.95 2.37 30.59
CA ALA D 111 -17.66 2.88 30.14
C ALA D 111 -17.61 4.38 30.21
N VAL D 112 -18.72 5.04 29.91
CA VAL D 112 -18.82 6.46 30.18
C VAL D 112 -18.85 6.71 31.69
N LEU D 113 -19.59 5.87 32.42
CA LEU D 113 -19.79 6.07 33.85
C LEU D 113 -18.60 5.68 34.72
N GLN D 114 -17.46 5.28 34.14
CA GLN D 114 -16.31 4.98 34.97
C GLN D 114 -15.61 6.22 35.51
N ILE D 115 -15.80 7.37 34.88
CA ILE D 115 -15.15 8.60 35.31
C ILE D 115 -16.08 9.47 36.17
N ARG D 116 -17.10 8.85 36.77
CA ARG D 116 -18.04 9.58 37.62
C ARG D 116 -17.59 9.44 39.07
N ASP D 117 -16.58 10.25 39.42
CA ASP D 117 -16.01 10.23 40.76
C ASP D 117 -16.93 10.82 41.81
N ASP D 118 -17.89 11.65 41.41
CA ASP D 118 -18.86 12.23 42.33
C ASP D 118 -20.01 11.29 42.66
N LEU D 119 -19.97 10.06 42.18
CA LEU D 119 -21.00 9.06 42.45
C LEU D 119 -20.37 7.92 43.25
N SER D 120 -21.18 6.90 43.54
CA SER D 120 -20.69 5.78 44.31
C SER D 120 -20.15 4.70 43.37
N ALA D 121 -19.93 3.50 43.91
CA ALA D 121 -19.59 2.35 43.07
C ALA D 121 -20.84 1.59 42.67
N GLU D 122 -21.99 1.95 43.23
CA GLU D 122 -23.27 1.35 42.83
C GLU D 122 -24.25 2.35 42.26
N GLN D 123 -24.08 3.65 42.57
CA GLN D 123 -24.91 4.66 41.93
C GLN D 123 -24.61 4.82 40.45
N ARG D 124 -23.42 4.38 40.01
CA ARG D 124 -23.13 4.27 38.59
C ARG D 124 -24.12 3.33 37.90
N GLU D 125 -24.31 2.14 38.48
CA GLU D 125 -25.26 1.19 37.93
C GLU D 125 -26.69 1.65 38.11
N ASP D 126 -26.96 2.41 39.18
CA ASP D 126 -28.30 2.94 39.37
C ASP D 126 -28.65 3.97 38.29
N ARG D 127 -27.71 4.88 38.02
CA ARG D 127 -27.88 5.85 36.94
C ARG D 127 -27.96 5.19 35.57
N ALA D 128 -27.21 4.09 35.39
CA ALA D 128 -27.30 3.33 34.15
C ALA D 128 -28.68 2.71 33.97
N ASN D 129 -29.24 2.16 35.06
CA ASN D 129 -30.60 1.65 35.00
C ASN D 129 -31.61 2.74 34.71
N GLU D 130 -31.38 3.94 35.27
CA GLU D 130 -32.26 5.08 34.99
C GLU D 130 -32.23 5.46 33.52
N LEU D 131 -31.03 5.54 32.94
CA LEU D 131 -30.91 5.95 31.54
C LEU D 131 -31.43 4.87 30.60
N MET D 132 -31.27 3.60 30.95
CA MET D 132 -31.83 2.55 30.11
C MET D 132 -33.34 2.43 30.25
N GLU D 133 -33.90 2.81 31.41
CA GLU D 133 -35.34 2.91 31.50
C GLU D 133 -35.86 4.13 30.74
N GLU D 134 -35.07 5.20 30.67
CA GLU D 134 -35.54 6.42 30.03
C GLU D 134 -35.50 6.30 28.50
N PHE D 135 -34.34 5.95 27.95
CA PHE D 135 -34.18 5.96 26.50
C PHE D 135 -34.59 4.66 25.83
N HIS D 136 -35.21 3.75 26.59
CA HIS D 136 -35.89 2.54 26.09
C HIS D 136 -34.95 1.62 25.31
N ILE D 137 -33.94 1.12 26.02
CA ILE D 137 -33.00 0.15 25.48
C ILE D 137 -32.92 -1.04 26.41
N GLU D 138 -34.05 -1.34 27.08
CA GLU D 138 -34.06 -2.39 28.09
C GLU D 138 -33.88 -3.77 27.47
N HIS D 139 -34.27 -3.95 26.21
CA HIS D 139 -34.01 -5.19 25.51
C HIS D 139 -32.69 -5.15 24.77
N LEU D 140 -32.22 -3.96 24.42
CA LEU D 140 -30.92 -3.78 23.81
C LEU D 140 -29.83 -3.53 24.84
N ARG D 141 -30.06 -3.93 26.10
CA ARG D 141 -29.08 -3.73 27.17
C ARG D 141 -27.79 -4.50 26.90
N ASP D 142 -27.90 -5.72 26.35
CA ASP D 142 -26.73 -6.54 26.14
C ASP D 142 -26.55 -6.93 24.68
N SER D 143 -27.14 -6.16 23.77
CA SER D 143 -26.92 -6.39 22.35
C SER D 143 -25.52 -5.96 21.95
N MET D 144 -25.05 -6.53 20.85
CA MET D 144 -23.74 -6.17 20.34
C MET D 144 -23.82 -4.81 19.67
N GLY D 145 -22.91 -3.90 20.03
CA GLY D 145 -23.01 -2.50 19.64
C GLY D 145 -22.90 -2.23 18.15
N GLN D 146 -22.43 -3.20 17.37
CA GLN D 146 -22.47 -3.06 15.92
C GLN D 146 -23.90 -3.17 15.41
N SER D 147 -24.71 -4.03 16.03
CA SER D 147 -25.96 -4.51 15.44
C SER D 147 -27.17 -3.66 15.82
N LEU D 148 -27.00 -2.36 15.97
CA LEU D 148 -28.10 -1.46 16.23
C LEU D 148 -28.47 -0.71 14.96
N SER D 149 -29.71 -0.24 14.91
CA SER D 149 -30.23 0.51 13.77
C SER D 149 -29.99 2.00 13.98
N GLY D 150 -30.63 2.82 13.16
CA GLY D 150 -30.44 4.26 13.20
C GLY D 150 -30.94 4.94 14.46
N GLY D 151 -32.23 4.81 14.77
CA GLY D 151 -32.77 5.44 15.96
C GLY D 151 -32.28 4.81 17.24
N GLU D 152 -32.05 3.49 17.22
CA GLU D 152 -31.43 2.80 18.34
C GLU D 152 -30.02 3.32 18.58
N ARG D 153 -29.26 3.53 17.50
CA ARG D 153 -27.90 4.03 17.58
C ARG D 153 -27.86 5.46 18.10
N ARG D 154 -28.80 6.29 17.63
CA ARG D 154 -28.93 7.65 18.14
C ARG D 154 -29.24 7.67 19.63
N ARG D 155 -30.16 6.80 20.07
CA ARG D 155 -30.51 6.76 21.49
C ARG D 155 -29.35 6.26 22.34
N VAL D 156 -28.56 5.32 21.82
CA VAL D 156 -27.37 4.84 22.54
C VAL D 156 -26.33 5.95 22.68
N GLU D 157 -26.09 6.70 21.61
CA GLU D 157 -25.08 7.75 21.67
C GLU D 157 -25.54 8.91 22.56
N ILE D 158 -26.84 9.22 22.55
CA ILE D 158 -27.34 10.25 23.45
C ILE D 158 -27.33 9.77 24.90
N ALA D 159 -27.53 8.47 25.11
CA ALA D 159 -27.43 7.91 26.46
C ALA D 159 -26.00 7.96 26.97
N ARG D 160 -25.02 7.75 26.07
CA ARG D 160 -23.62 7.91 26.46
C ARG D 160 -23.29 9.35 26.77
N ALA D 161 -23.87 10.28 26.00
CA ALA D 161 -23.64 11.69 26.26
C ALA D 161 -24.17 12.09 27.63
N LEU D 162 -25.41 11.69 27.92
CA LEU D 162 -26.01 12.03 29.21
C LEU D 162 -25.44 11.23 30.37
N ALA D 163 -24.76 10.10 30.11
CA ALA D 163 -24.14 9.36 31.19
C ALA D 163 -22.94 10.09 31.76
N ALA D 164 -22.29 10.92 30.96
CA ALA D 164 -21.26 11.81 31.46
C ALA D 164 -21.83 13.05 32.14
N ASN D 165 -23.15 13.18 32.18
CA ASN D 165 -23.96 14.19 32.86
C ASN D 165 -23.56 15.62 32.48
N PRO D 166 -23.87 16.08 31.27
CA PRO D 166 -23.44 17.44 30.89
C PRO D 166 -24.48 18.48 31.24
N LYS D 167 -24.16 19.73 30.95
CA LYS D 167 -25.11 20.82 31.01
C LYS D 167 -25.41 21.41 29.64
N PHE D 168 -24.39 21.58 28.81
CA PHE D 168 -24.54 22.11 27.46
C PHE D 168 -24.00 21.07 26.49
N ILE D 169 -24.92 20.42 25.79
CA ILE D 169 -24.57 19.38 24.82
C ILE D 169 -24.57 20.02 23.44
N LEU D 170 -23.67 19.57 22.59
CA LEU D 170 -23.38 20.23 21.32
C LEU D 170 -23.45 19.21 20.21
N LEU D 171 -24.52 19.24 19.42
CA LEU D 171 -24.79 18.24 18.40
C LEU D 171 -24.33 18.75 17.05
N ASP D 172 -23.70 17.89 16.26
CA ASP D 172 -23.26 18.24 14.91
C ASP D 172 -24.06 17.40 13.92
N GLU D 173 -25.02 18.05 13.24
CA GLU D 173 -25.95 17.47 12.28
C GLU D 173 -26.67 16.23 12.80
N PRO D 174 -27.62 16.35 13.74
CA PRO D 174 -28.39 15.18 14.16
C PRO D 174 -29.53 14.82 13.23
N PHE D 175 -29.62 15.44 12.05
CA PHE D 175 -30.65 15.15 11.08
C PHE D 175 -30.09 14.68 9.73
N ALA D 176 -28.78 14.78 9.53
CA ALA D 176 -28.19 14.57 8.22
C ALA D 176 -28.20 13.09 7.87
N GLY D 177 -29.22 12.66 7.13
CA GLY D 177 -29.25 11.30 6.64
C GLY D 177 -30.34 10.45 7.25
N VAL D 178 -31.46 11.07 7.63
CA VAL D 178 -32.63 10.33 8.09
C VAL D 178 -33.87 10.84 7.36
N ASP D 179 -34.78 9.92 7.07
CA ASP D 179 -36.07 10.23 6.45
C ASP D 179 -36.95 11.02 7.42
N PRO D 180 -37.96 11.74 6.91
CA PRO D 180 -38.76 12.62 7.79
C PRO D 180 -39.59 11.93 8.88
N ILE D 181 -39.54 10.61 9.03
CA ILE D 181 -40.10 10.01 10.24
C ILE D 181 -39.12 10.14 11.40
N SER D 182 -37.87 9.73 11.16
CA SER D 182 -36.84 9.83 12.17
C SER D 182 -36.47 11.28 12.46
N VAL D 183 -36.74 12.19 11.53
CA VAL D 183 -36.55 13.63 11.79
C VAL D 183 -37.47 14.08 12.92
N ILE D 184 -38.75 13.68 12.84
CA ILE D 184 -39.70 14.06 13.87
C ILE D 184 -39.39 13.36 15.19
N ASP D 185 -38.91 12.11 15.11
CA ASP D 185 -38.54 11.41 16.35
C ASP D 185 -37.34 12.05 17.03
N ILE D 186 -36.35 12.49 16.25
CA ILE D 186 -35.18 13.16 16.80
C ILE D 186 -35.57 14.53 17.37
N LYS D 187 -36.54 15.21 16.75
CA LYS D 187 -37.05 16.44 17.33
C LYS D 187 -37.73 16.19 18.67
N ARG D 188 -38.44 15.07 18.80
CA ARG D 188 -39.04 14.70 20.08
C ARG D 188 -37.98 14.39 21.13
N ILE D 189 -36.87 13.75 20.70
CA ILE D 189 -35.77 13.46 21.62
C ILE D 189 -35.10 14.74 22.09
N ILE D 190 -34.91 15.70 21.19
CA ILE D 190 -34.25 16.96 21.55
C ILE D 190 -35.16 17.80 22.45
N GLU D 191 -36.47 17.77 22.23
CA GLU D 191 -37.36 18.44 23.18
C GLU D 191 -37.36 17.74 24.53
N HIS D 192 -37.19 16.41 24.57
CA HIS D 192 -37.04 15.76 25.86
C HIS D 192 -35.72 16.12 26.53
N LEU D 193 -34.68 16.37 25.74
CA LEU D 193 -33.40 16.82 26.28
C LEU D 193 -33.53 18.21 26.89
N ARG D 194 -34.18 19.13 26.19
CA ARG D 194 -34.34 20.47 26.76
C ARG D 194 -35.37 20.50 27.89
N ASP D 195 -36.28 19.52 27.94
CA ASP D 195 -37.14 19.38 29.10
C ASP D 195 -36.44 18.65 30.24
N SER D 196 -35.26 18.09 29.99
CA SER D 196 -34.35 17.71 31.07
C SER D 196 -33.43 18.84 31.49
N GLY D 197 -33.50 20.00 30.83
CA GLY D 197 -32.77 21.18 31.25
C GLY D 197 -31.35 21.30 30.74
N LEU D 198 -31.18 21.28 29.42
CA LEU D 198 -29.86 21.38 28.80
C LEU D 198 -29.89 22.41 27.69
N GLY D 199 -28.85 23.23 27.60
CA GLY D 199 -28.77 24.20 26.52
C GLY D 199 -28.09 23.62 25.30
N VAL D 200 -28.87 23.21 24.31
CA VAL D 200 -28.41 22.34 23.24
C VAL D 200 -28.07 23.19 22.03
N LEU D 201 -26.90 22.95 21.43
CA LEU D 201 -26.44 23.68 20.26
C LEU D 201 -26.39 22.75 19.05
N ILE D 202 -26.90 23.20 17.90
CA ILE D 202 -27.05 22.37 16.71
C ILE D 202 -26.58 23.16 15.49
N THR D 203 -25.71 22.56 14.68
CA THR D 203 -25.45 23.03 13.32
C THR D 203 -25.90 21.97 12.32
N ASP D 204 -26.25 22.41 11.11
CA ASP D 204 -26.80 21.52 10.10
C ASP D 204 -26.77 22.23 8.75
N HIS D 205 -26.85 21.43 7.69
CA HIS D 205 -27.08 21.93 6.34
C HIS D 205 -28.56 22.07 6.03
N ASN D 206 -29.43 21.68 6.96
CA ASN D 206 -30.88 21.68 6.76
C ASN D 206 -31.48 22.79 7.61
N VAL D 207 -31.68 23.95 6.98
CA VAL D 207 -32.26 25.09 7.69
C VAL D 207 -33.74 24.86 7.91
N ARG D 208 -34.45 24.31 6.92
CA ARG D 208 -35.88 24.06 7.04
C ARG D 208 -36.19 22.92 7.99
N GLU D 209 -35.21 22.09 8.33
CA GLU D 209 -35.36 21.07 9.36
C GLU D 209 -34.89 21.53 10.72
N THR D 210 -33.89 22.41 10.76
CA THR D 210 -33.31 22.85 12.02
C THR D 210 -34.13 23.95 12.64
N LEU D 211 -34.58 24.90 11.82
CA LEU D 211 -35.25 26.10 12.28
C LEU D 211 -36.64 25.78 12.84
N ALA D 212 -37.21 24.64 12.47
CA ALA D 212 -38.53 24.25 12.95
C ALA D 212 -38.50 23.67 14.35
N VAL D 213 -37.34 23.35 14.89
CA VAL D 213 -37.25 22.83 16.26
C VAL D 213 -36.52 23.80 17.18
N CYS D 214 -35.70 24.69 16.66
CA CYS D 214 -34.93 25.60 17.49
C CYS D 214 -35.81 26.73 18.01
N GLU D 215 -35.59 27.10 19.27
CA GLU D 215 -36.35 28.18 19.86
C GLU D 215 -35.74 29.53 19.49
N ARG D 216 -34.42 29.57 19.28
CA ARG D 216 -33.75 30.72 18.71
C ARG D 216 -32.47 30.22 18.04
N ALA D 217 -32.05 30.91 16.99
CA ALA D 217 -30.92 30.44 16.21
C ALA D 217 -30.01 31.61 15.87
N TYR D 218 -28.78 31.27 15.47
CA TYR D 218 -27.74 32.23 15.15
C TYR D 218 -27.26 31.99 13.73
N ILE D 219 -27.14 33.06 12.95
CA ILE D 219 -26.83 32.94 11.53
C ILE D 219 -25.46 33.56 11.31
N VAL D 220 -24.44 32.72 11.16
CA VAL D 220 -23.14 33.22 10.74
C VAL D 220 -23.18 33.52 9.25
N SER D 221 -22.23 34.36 8.80
CA SER D 221 -22.00 34.58 7.37
C SER D 221 -20.61 35.16 7.20
N GLN D 222 -19.70 34.37 6.61
CA GLN D 222 -18.33 34.77 6.28
C GLN D 222 -17.59 35.32 7.50
N GLY D 223 -17.55 34.51 8.55
CA GLY D 223 -16.91 34.93 9.78
C GLY D 223 -17.63 36.02 10.52
N HIS D 224 -18.94 36.18 10.27
CA HIS D 224 -19.71 37.24 10.90
C HIS D 224 -21.12 36.73 11.15
N LEU D 225 -21.55 36.78 12.40
CA LEU D 225 -22.98 36.74 12.65
C LEU D 225 -23.62 37.96 12.02
N ILE D 226 -24.52 37.75 11.07
CA ILE D 226 -25.26 38.84 10.49
C ILE D 226 -26.70 38.89 10.97
N ALA D 227 -27.22 37.82 11.54
CA ALA D 227 -28.51 37.85 12.22
C ALA D 227 -28.45 36.83 13.33
N HIS D 228 -29.44 36.88 14.21
CA HIS D 228 -29.52 35.97 15.34
C HIS D 228 -30.94 36.00 15.87
N GLY D 229 -31.16 35.29 16.98
CA GLY D 229 -32.41 35.41 17.70
C GLY D 229 -33.53 34.56 17.16
N THR D 230 -34.71 35.15 17.06
CA THR D 230 -35.95 34.44 16.77
C THR D 230 -35.99 33.97 15.32
N PRO D 231 -36.54 32.78 15.08
CA PRO D 231 -36.70 32.28 13.70
C PRO D 231 -37.58 33.14 12.81
N THR D 232 -38.49 33.93 13.37
CA THR D 232 -39.29 34.85 12.56
C THR D 232 -38.42 35.94 11.94
N GLU D 233 -37.57 36.55 12.76
CA GLU D 233 -36.63 37.54 12.26
C GLU D 233 -35.58 36.91 11.35
N ILE D 234 -35.23 35.65 11.61
CA ILE D 234 -34.34 34.93 10.70
C ILE D 234 -35.03 34.63 9.36
N LEU D 235 -36.36 34.51 9.35
CA LEU D 235 -37.07 34.43 8.07
C LEU D 235 -37.18 35.78 7.39
N GLN D 236 -37.20 36.87 8.15
CA GLN D 236 -37.49 38.18 7.58
C GLN D 236 -36.27 39.08 7.43
N ASP D 237 -35.07 38.58 7.70
CA ASP D 237 -33.86 39.38 7.63
C ASP D 237 -33.34 39.61 6.22
N GLU D 238 -32.07 40.02 6.12
CA GLU D 238 -31.30 40.04 4.89
C GLU D 238 -31.18 38.61 4.33
N HIS D 239 -30.88 38.53 3.03
CA HIS D 239 -31.33 37.52 2.05
C HIS D 239 -31.47 36.11 2.59
N VAL D 240 -32.64 35.52 2.33
CA VAL D 240 -32.88 34.10 2.56
C VAL D 240 -33.49 33.40 1.36
N LYS D 241 -34.09 34.13 0.42
CA LYS D 241 -34.71 33.55 -0.76
C LYS D 241 -34.26 34.30 -2.00
#